data_4IQ1
#
_entry.id   4IQ1
#
_cell.length_a   66.019
_cell.length_b   81.776
_cell.length_c   288.652
_cell.angle_alpha   90.00
_cell.angle_beta   90.00
_cell.angle_gamma   90.00
#
_symmetry.space_group_name_H-M   'C 2 2 21'
#
loop_
_entity.id
_entity.type
_entity.pdbx_description
1 polymer 'Glutathione transferase'
2 non-polymer 'CHLORIDE ION'
3 non-polymer GLYCEROL
4 water water
#
_entity_poly.entity_id   1
_entity_poly.type   'polypeptide(L)'
_entity_poly.pdbx_seq_one_letter_code
;MHHHHHHSSGVDLGTENLYFQSMKLYGLTGACSFVPHVALEWVKLRANQDYAFQAVSREFIKSAEYLALNPRGNVPLLVD
GDLALTQNQAIVHYLDELYPEAKLFGSKTARDKAKAARWLAFFNSDVHKSFVPLFRLPSYAEGNETLTKTIRQQSAEQIL
EQLAFANAHLENHIFFGEEISVADAYLYIMLNWCRLLGLDFSHLSQLSAFMQRVEADQGVDNVREQEGLKG
;
_entity_poly.pdbx_strand_id   A,B,C
#
loop_
_chem_comp.id
_chem_comp.type
_chem_comp.name
_chem_comp.formula
CL non-polymer 'CHLORIDE ION' 'Cl -1'
GOL non-polymer GLYCEROL 'C3 H8 O3'
#
# COMPACT_ATOMS: atom_id res chain seq x y z
N SER A 22 -4.80 -17.97 -19.09
CA SER A 22 -3.56 -18.31 -18.35
C SER A 22 -2.83 -17.05 -17.90
N MET A 23 -1.80 -17.24 -17.07
CA MET A 23 -1.05 -16.13 -16.53
C MET A 23 -0.13 -15.58 -17.60
N LYS A 24 0.16 -14.29 -17.48
CA LYS A 24 1.09 -13.61 -18.37
C LYS A 24 2.12 -12.85 -17.53
N LEU A 25 3.38 -12.97 -17.91
CA LEU A 25 4.48 -12.27 -17.29
C LEU A 25 5.09 -11.25 -18.27
N TYR A 26 5.15 -10.00 -17.83
CA TYR A 26 5.87 -8.94 -18.49
C TYR A 26 7.26 -8.85 -17.84
N GLY A 27 8.31 -8.89 -18.66
CA GLY A 27 9.66 -8.87 -18.15
C GLY A 27 10.63 -8.24 -19.14
N LEU A 28 11.74 -7.74 -18.62
CA LEU A 28 12.83 -7.23 -19.42
C LEU A 28 13.77 -8.40 -19.53
N THR A 29 14.18 -8.72 -20.73
CA THR A 29 15.04 -9.88 -20.90
C THR A 29 16.36 -9.69 -20.12
N GLY A 30 16.75 -10.75 -19.42
CA GLY A 30 17.98 -10.77 -18.64
C GLY A 30 17.96 -9.94 -17.37
N ALA A 31 16.82 -9.37 -17.02
CA ALA A 31 16.70 -8.56 -15.79
C ALA A 31 16.20 -9.41 -14.62
N CYS A 32 15.83 -8.79 -13.50
CA CYS A 32 15.42 -9.58 -12.34
C CYS A 32 14.15 -10.43 -12.64
N SER A 33 13.37 -9.99 -13.66
CA SER A 33 12.17 -10.69 -14.10
C SER A 33 12.45 -12.10 -14.71
N PHE A 34 13.71 -12.39 -15.02
CA PHE A 34 14.17 -13.74 -15.33
C PHE A 34 13.73 -14.74 -14.25
N VAL A 35 13.76 -14.33 -12.98
CA VAL A 35 13.45 -15.27 -11.90
C VAL A 35 11.97 -15.72 -11.92
N PRO A 36 10.99 -14.79 -11.97
CA PRO A 36 9.63 -15.38 -12.07
C PRO A 36 9.36 -16.06 -13.42
N HIS A 37 10.13 -15.67 -14.44
CA HIS A 37 10.04 -16.36 -15.75
C HIS A 37 10.49 -17.81 -15.56
N VAL A 38 11.61 -18.04 -14.87
CA VAL A 38 12.00 -19.41 -14.57
C VAL A 38 10.93 -20.14 -13.73
N ALA A 39 10.38 -19.47 -12.73
CA ALA A 39 9.32 -20.06 -11.91
C ALA A 39 8.14 -20.56 -12.76
N LEU A 40 7.68 -19.73 -13.70
CA LEU A 40 6.53 -20.12 -14.57
C LEU A 40 6.88 -21.29 -15.49
N GLU A 41 8.13 -21.32 -15.95
CA GLU A 41 8.57 -22.40 -16.79
C GLU A 41 8.61 -23.71 -15.97
N TRP A 42 9.07 -23.65 -14.71
CA TRP A 42 9.00 -24.81 -13.81
C TRP A 42 7.56 -25.28 -13.55
N VAL A 43 6.63 -24.33 -13.38
CA VAL A 43 5.22 -24.61 -13.22
C VAL A 43 4.74 -25.29 -14.51
N LYS A 44 5.14 -24.74 -15.67
CA LYS A 44 4.83 -25.37 -16.97
C LYS A 44 5.31 -26.83 -17.04
N LEU A 45 6.59 -27.04 -16.75
CA LEU A 45 7.21 -28.35 -16.80
C LEU A 45 6.73 -29.37 -15.75
N ARG A 46 6.44 -28.88 -14.54
CA ARG A 46 6.18 -29.75 -13.41
C ARG A 46 4.71 -29.87 -13.10
N ALA A 47 3.93 -28.84 -13.47
CA ALA A 47 2.49 -28.85 -13.16
C ALA A 47 1.62 -28.75 -14.41
N ASN A 48 2.24 -28.85 -15.58
CA ASN A 48 1.51 -28.88 -16.88
C ASN A 48 0.62 -27.68 -17.16
N GLN A 49 1.00 -26.51 -16.65
CA GLN A 49 0.24 -25.28 -16.87
C GLN A 49 1.04 -24.29 -17.71
N ASP A 50 0.57 -23.99 -18.93
CA ASP A 50 1.30 -23.09 -19.84
C ASP A 50 1.06 -21.66 -19.38
N TYR A 51 1.84 -20.72 -19.88
CA TYR A 51 1.72 -19.32 -19.53
C TYR A 51 2.17 -18.49 -20.75
N ALA A 52 1.99 -17.18 -20.68
CA ALA A 52 2.45 -16.25 -21.71
C ALA A 52 3.58 -15.39 -21.17
N PHE A 53 4.54 -15.10 -22.04
CA PHE A 53 5.64 -14.21 -21.72
C PHE A 53 5.64 -13.02 -22.67
N GLN A 54 5.58 -11.80 -22.12
CA GLN A 54 5.80 -10.61 -22.95
C GLN A 54 7.10 -9.90 -22.57
N ALA A 55 8.07 -9.95 -23.49
CA ALA A 55 9.30 -9.17 -23.33
C ALA A 55 8.97 -7.72 -23.58
N VAL A 56 9.42 -6.85 -22.68
CA VAL A 56 9.14 -5.42 -22.79
C VAL A 56 10.46 -4.68 -22.94
N SER A 57 10.43 -3.54 -23.61
CA SER A 57 11.61 -2.72 -23.71
C SER A 57 11.56 -1.66 -22.62
N ARG A 58 12.71 -1.04 -22.37
CA ARG A 58 12.81 0.07 -21.43
C ARG A 58 11.86 1.22 -21.81
N GLU A 59 11.64 1.40 -23.11
CA GLU A 59 10.70 2.44 -23.57
C GLU A 59 9.25 2.02 -23.36
N PHE A 60 8.92 0.78 -23.68
CA PHE A 60 7.55 0.29 -23.45
C PHE A 60 7.09 0.42 -22.00
N ILE A 61 8.01 0.26 -21.04
CA ILE A 61 7.64 0.39 -19.62
C ILE A 61 7.47 1.83 -19.15
N LYS A 62 7.83 2.76 -20.03
CA LYS A 62 7.53 4.19 -19.82
C LYS A 62 6.24 4.58 -20.54
N SER A 63 5.67 3.66 -21.33
CA SER A 63 4.52 3.97 -22.18
C SER A 63 3.23 4.21 -21.41
N ALA A 64 2.31 4.92 -22.06
CA ALA A 64 0.95 5.14 -21.56
C ALA A 64 0.19 3.84 -21.37
N GLU A 65 0.37 2.90 -22.30
CA GLU A 65 -0.33 1.60 -22.20
C GLU A 65 0.15 0.78 -21.00
N TYR A 66 1.47 0.76 -20.78
CA TYR A 66 2.01 -0.02 -19.67
C TYR A 66 1.70 0.61 -18.30
N LEU A 67 1.98 1.91 -18.16
CA LEU A 67 1.67 2.63 -16.92
C LEU A 67 0.21 2.50 -16.45
N ALA A 68 -0.71 2.21 -17.38
CA ALA A 68 -2.13 1.99 -17.06
C ALA A 68 -2.39 0.63 -16.41
N LEU A 69 -1.59 -0.36 -16.80
CA LEU A 69 -1.61 -1.68 -16.17
C LEU A 69 -0.86 -1.65 -14.85
N ASN A 70 0.30 -1.00 -14.88
CA ASN A 70 1.25 -1.03 -13.77
C ASN A 70 1.79 0.37 -13.50
N PRO A 71 1.05 1.16 -12.70
CA PRO A 71 1.44 2.56 -12.45
C PRO A 71 2.83 2.69 -11.90
N ARG A 72 3.38 1.62 -11.31
CA ARG A 72 4.78 1.66 -10.89
C ARG A 72 5.78 1.67 -12.05
N GLY A 73 5.33 1.27 -13.23
CA GLY A 73 6.19 1.23 -14.41
C GLY A 73 7.46 0.41 -14.23
N ASN A 74 7.32 -0.75 -13.59
CA ASN A 74 8.42 -1.64 -13.31
C ASN A 74 8.14 -3.06 -13.82
N VAL A 75 9.17 -3.88 -13.88
CA VAL A 75 9.00 -5.32 -14.10
C VAL A 75 9.68 -6.00 -12.96
N PRO A 76 9.28 -7.23 -12.67
CA PRO A 76 8.22 -7.99 -13.37
C PRO A 76 6.79 -7.53 -13.05
N LEU A 77 5.89 -7.88 -13.96
CA LEU A 77 4.45 -7.82 -13.69
C LEU A 77 3.82 -9.17 -14.09
N LEU A 78 3.12 -9.80 -13.14
CA LEU A 78 2.33 -10.98 -13.41
C LEU A 78 0.86 -10.57 -13.47
N VAL A 79 0.22 -10.87 -14.59
CA VAL A 79 -1.27 -10.75 -14.71
C VAL A 79 -1.91 -12.15 -14.67
N ASP A 80 -2.75 -12.38 -13.67
CA ASP A 80 -3.51 -13.61 -13.51
C ASP A 80 -5.00 -13.23 -13.35
N GLY A 81 -5.72 -13.17 -14.48
CA GLY A 81 -7.12 -12.70 -14.47
C GLY A 81 -7.13 -11.23 -14.11
N ASP A 82 -7.96 -10.83 -13.15
CA ASP A 82 -7.90 -9.43 -12.70
C ASP A 82 -6.90 -9.20 -11.56
N LEU A 83 -5.97 -10.11 -11.36
CA LEU A 83 -4.86 -9.87 -10.42
C LEU A 83 -3.68 -9.38 -11.21
N ALA A 84 -3.20 -8.17 -10.90
CA ALA A 84 -1.97 -7.63 -11.46
C ALA A 84 -0.93 -7.51 -10.34
N LEU A 85 0.03 -8.43 -10.33
CA LEU A 85 0.95 -8.54 -9.23
C LEU A 85 2.38 -8.16 -9.59
N THR A 86 2.96 -7.24 -8.81
CA THR A 86 4.36 -6.89 -9.00
C THR A 86 5.16 -7.47 -7.82
N GLN A 87 6.48 -7.28 -7.89
CA GLN A 87 7.48 -7.69 -6.94
C GLN A 87 7.87 -9.14 -7.10
N ASN A 88 9.15 -9.39 -7.30
CA ASN A 88 9.61 -10.74 -7.55
C ASN A 88 9.24 -11.73 -6.45
N GLN A 89 9.45 -11.33 -5.20
CA GLN A 89 9.15 -12.20 -4.07
C GLN A 89 7.68 -12.53 -3.92
N ALA A 90 6.81 -11.54 -4.10
CA ALA A 90 5.34 -11.78 -4.01
C ALA A 90 4.93 -12.76 -5.12
N ILE A 91 5.44 -12.51 -6.34
CA ILE A 91 5.10 -13.37 -7.50
C ILE A 91 5.48 -14.83 -7.21
N VAL A 92 6.73 -15.08 -6.81
CA VAL A 92 7.14 -16.46 -6.56
C VAL A 92 6.47 -17.10 -5.35
N HIS A 93 6.24 -16.36 -4.26
CA HIS A 93 5.47 -16.92 -3.16
C HIS A 93 4.03 -17.27 -3.61
N TYR A 94 3.43 -16.41 -4.44
CA TYR A 94 2.08 -16.65 -4.98
C TYR A 94 2.06 -17.95 -5.82
N LEU A 95 3.01 -18.11 -6.75
CA LEU A 95 3.05 -19.35 -7.52
C LEU A 95 3.33 -20.59 -6.68
N ASP A 96 4.20 -20.47 -5.67
CA ASP A 96 4.47 -21.58 -4.75
C ASP A 96 3.22 -22.07 -4.00
N GLU A 97 2.39 -21.12 -3.57
CA GLU A 97 1.10 -21.43 -2.92
C GLU A 97 0.17 -22.16 -3.89
N LEU A 98 0.08 -21.66 -5.11
CA LEU A 98 -0.79 -22.27 -6.12
C LEU A 98 -0.30 -23.64 -6.59
N TYR A 99 1.02 -23.84 -6.66
CA TYR A 99 1.64 -25.04 -7.20
C TYR A 99 2.74 -25.58 -6.28
N PRO A 100 2.38 -26.08 -5.07
CA PRO A 100 3.41 -26.55 -4.13
C PRO A 100 4.22 -27.74 -4.69
N GLU A 101 3.60 -28.52 -5.58
CA GLU A 101 4.24 -29.68 -6.17
C GLU A 101 5.41 -29.27 -7.05
N ALA A 102 5.39 -28.03 -7.58
CA ALA A 102 6.49 -27.50 -8.41
C ALA A 102 7.78 -27.23 -7.63
N LYS A 103 7.71 -27.24 -6.30
CA LYS A 103 8.89 -27.05 -5.44
C LYS A 103 9.74 -25.84 -5.87
N LEU A 104 9.09 -24.70 -6.07
CA LEU A 104 9.78 -23.49 -6.55
C LEU A 104 10.88 -23.05 -5.58
N PHE A 105 10.68 -23.33 -4.29
CA PHE A 105 11.69 -23.04 -3.26
C PHE A 105 12.64 -24.20 -2.94
N GLY A 106 12.65 -25.24 -3.74
CA GLY A 106 13.67 -26.28 -3.55
C GLY A 106 13.20 -27.38 -2.62
N SER A 107 11.98 -27.25 -2.09
CA SER A 107 11.46 -28.21 -1.12
C SER A 107 9.96 -28.00 -0.92
N LYS A 108 9.30 -28.99 -0.34
CA LYS A 108 7.92 -28.78 0.11
C LYS A 108 7.80 -28.47 1.61
N THR A 109 8.86 -28.63 2.40
CA THR A 109 8.69 -28.48 3.86
C THR A 109 8.94 -27.04 4.30
N ALA A 110 8.16 -26.58 5.27
CA ALA A 110 8.22 -25.20 5.74
C ALA A 110 9.64 -24.68 6.05
N ARG A 111 10.43 -25.44 6.82
CA ARG A 111 11.77 -24.97 7.23
CA ARG A 111 11.79 -25.04 7.24
C ARG A 111 12.73 -24.81 6.05
N ASP A 112 12.75 -25.79 5.15
CA ASP A 112 13.63 -25.78 3.99
C ASP A 112 13.21 -24.70 2.97
N LYS A 113 11.90 -24.53 2.80
CA LYS A 113 11.40 -23.44 1.95
C LYS A 113 11.78 -22.07 2.49
N ALA A 114 11.75 -21.91 3.82
CA ALA A 114 12.08 -20.63 4.43
C ALA A 114 13.56 -20.31 4.24
N LYS A 115 14.41 -21.31 4.40
CA LYS A 115 15.86 -21.15 4.18
C LYS A 115 16.15 -20.65 2.77
N ALA A 116 15.42 -21.20 1.80
CA ALA A 116 15.58 -20.77 0.41
C ALA A 116 14.98 -19.39 0.22
N ALA A 117 13.86 -19.10 0.89
CA ALA A 117 13.29 -17.74 0.82
C ALA A 117 14.19 -16.68 1.46
N ARG A 118 14.92 -17.06 2.51
CA ARG A 118 15.98 -16.20 3.06
C ARG A 118 16.97 -15.79 1.96
N TRP A 119 17.45 -16.77 1.21
CA TRP A 119 18.43 -16.46 0.15
C TRP A 119 17.80 -15.57 -0.94
N LEU A 120 16.56 -15.89 -1.33
CA LEU A 120 15.87 -15.07 -2.29
C LEU A 120 15.81 -13.62 -1.82
N ALA A 121 15.46 -13.42 -0.55
CA ALA A 121 15.31 -12.07 -0.01
C ALA A 121 16.68 -11.38 0.06
N PHE A 122 17.71 -12.10 0.48
CA PHE A 122 19.07 -11.56 0.45
C PHE A 122 19.45 -11.07 -0.98
N PHE A 123 19.22 -11.92 -1.97
CA PHE A 123 19.58 -11.60 -3.33
C PHE A 123 18.74 -10.43 -3.84
N ASN A 124 17.41 -10.47 -3.60
CA ASN A 124 16.46 -9.40 -4.07
C ASN A 124 16.57 -8.02 -3.36
N SER A 125 16.65 -8.03 -2.02
CA SER A 125 16.62 -6.78 -1.24
C SER A 125 18.00 -6.23 -0.96
N ASP A 126 18.98 -7.12 -0.75
CA ASP A 126 20.33 -6.67 -0.39
C ASP A 126 21.30 -6.64 -1.57
N VAL A 127 21.45 -7.74 -2.27
CA VAL A 127 22.50 -7.81 -3.32
C VAL A 127 22.08 -6.99 -4.56
N HIS A 128 20.85 -7.14 -5.00
CA HIS A 128 20.35 -6.48 -6.23
C HIS A 128 20.59 -4.97 -6.08
N LYS A 129 20.29 -4.46 -4.88
CA LYS A 129 20.45 -3.05 -4.59
C LYS A 129 21.87 -2.56 -4.83
N SER A 130 22.90 -3.35 -4.47
CA SER A 130 24.28 -2.90 -4.75
C SER A 130 24.57 -2.73 -6.23
N PHE A 131 23.83 -3.43 -7.10
CA PHE A 131 24.02 -3.23 -8.54
C PHE A 131 23.45 -1.93 -9.08
N VAL A 132 22.45 -1.37 -8.41
CA VAL A 132 21.71 -0.23 -8.96
C VAL A 132 22.60 0.91 -9.52
N PRO A 133 23.58 1.39 -8.73
CA PRO A 133 24.45 2.47 -9.25
C PRO A 133 25.28 2.11 -10.48
N LEU A 134 25.50 0.81 -10.72
CA LEU A 134 26.24 0.37 -11.89
C LEU A 134 25.37 0.44 -13.15
N PHE A 135 24.06 0.38 -12.97
CA PHE A 135 23.12 0.45 -14.10
C PHE A 135 22.60 1.86 -14.30
N ARG A 136 22.44 2.57 -13.18
CA ARG A 136 21.93 3.93 -13.23
C ARG A 136 22.63 4.76 -12.15
N LEU A 137 23.60 5.58 -12.57
CA LEU A 137 24.37 6.40 -11.63
C LEU A 137 23.45 7.39 -10.91
N PRO A 138 23.66 7.62 -9.59
CA PRO A 138 22.91 8.70 -8.93
C PRO A 138 23.05 10.05 -9.67
N SER A 139 21.96 10.81 -9.72
CA SER A 139 21.90 12.07 -10.47
C SER A 139 23.02 12.98 -10.08
N TYR A 140 23.24 13.09 -8.77
CA TYR A 140 24.25 13.98 -8.21
C TYR A 140 25.69 13.67 -8.62
N ALA A 141 25.91 12.52 -9.24
CA ALA A 141 27.24 12.11 -9.67
C ALA A 141 27.49 12.29 -11.16
N GLU A 142 26.43 12.50 -11.94
CA GLU A 142 26.61 12.69 -13.40
C GLU A 142 27.54 13.87 -13.69
N GLY A 143 28.50 13.67 -14.59
CA GLY A 143 29.51 14.69 -14.88
C GLY A 143 30.75 14.71 -13.98
N ASN A 144 30.58 14.28 -12.72
CA ASN A 144 31.64 14.31 -11.72
C ASN A 144 32.45 13.01 -11.84
N GLU A 145 33.58 13.11 -12.53
CA GLU A 145 34.42 11.96 -12.87
C GLU A 145 34.91 11.15 -11.66
N THR A 146 35.39 11.86 -10.62
CA THR A 146 35.95 11.25 -9.42
C THR A 146 34.87 10.52 -8.60
N LEU A 147 33.77 11.23 -8.34
CA LEU A 147 32.65 10.67 -7.64
C LEU A 147 32.03 9.47 -8.36
N THR A 148 31.89 9.57 -9.67
CA THR A 148 31.38 8.45 -10.45
C THR A 148 32.26 7.21 -10.26
N LYS A 149 33.57 7.44 -10.32
CA LYS A 149 34.54 6.39 -10.10
C LYS A 149 34.40 5.81 -8.69
N THR A 150 34.25 6.68 -7.69
CA THR A 150 34.10 6.24 -6.30
C THR A 150 32.82 5.43 -6.11
N ILE A 151 31.73 5.89 -6.70
CA ILE A 151 30.43 5.18 -6.56
C ILE A 151 30.49 3.79 -7.20
N ARG A 152 31.08 3.71 -8.40
CA ARG A 152 31.22 2.41 -9.07
C ARG A 152 32.13 1.46 -8.28
N GLN A 153 33.21 1.99 -7.74
CA GLN A 153 34.11 1.18 -6.90
C GLN A 153 33.40 0.61 -5.65
N GLN A 154 32.65 1.45 -4.94
CA GLN A 154 31.94 0.99 -3.74
C GLN A 154 30.92 -0.08 -4.07
N SER A 155 30.21 0.11 -5.19
CA SER A 155 29.25 -0.92 -5.66
C SER A 155 29.93 -2.23 -5.91
N ALA A 156 30.99 -2.23 -6.73
CA ALA A 156 31.77 -3.45 -6.96
C ALA A 156 32.24 -4.13 -5.66
N GLU A 157 32.76 -3.33 -4.72
CA GLU A 157 33.25 -3.87 -3.44
C GLU A 157 32.12 -4.50 -2.65
N GLN A 158 30.96 -3.84 -2.64
CA GLN A 158 29.79 -4.36 -1.95
C GLN A 158 29.35 -5.69 -2.56
N ILE A 159 29.26 -5.71 -3.90
CA ILE A 159 28.84 -6.92 -4.64
C ILE A 159 29.78 -8.09 -4.31
N LEU A 160 31.09 -7.86 -4.35
CA LEU A 160 32.07 -8.92 -4.12
C LEU A 160 31.99 -9.46 -2.71
N GLU A 161 31.75 -8.58 -1.74
CA GLU A 161 31.56 -9.00 -0.35
C GLU A 161 30.32 -9.91 -0.24
N GLN A 162 29.23 -9.52 -0.89
CA GLN A 162 28.00 -10.30 -0.83
C GLN A 162 28.14 -11.61 -1.59
N LEU A 163 28.81 -11.60 -2.73
CA LEU A 163 29.05 -12.83 -3.48
C LEU A 163 29.94 -13.78 -2.69
N ALA A 164 30.93 -13.24 -1.97
CA ALA A 164 31.79 -14.08 -1.12
C ALA A 164 30.97 -14.88 -0.08
N PHE A 165 29.96 -14.24 0.48
CA PHE A 165 29.03 -14.89 1.41
C PHE A 165 28.19 -16.02 0.76
N ALA A 166 27.69 -15.77 -0.44
CA ALA A 166 27.00 -16.81 -1.19
C ALA A 166 27.96 -17.93 -1.58
N ASN A 167 29.16 -17.56 -2.01
CA ASN A 167 30.17 -18.53 -2.33
C ASN A 167 30.47 -19.43 -1.15
N ALA A 168 30.61 -18.84 0.05
CA ALA A 168 30.84 -19.65 1.27
C ALA A 168 29.76 -20.69 1.50
N HIS A 169 28.50 -20.32 1.26
CA HIS A 169 27.40 -21.25 1.39
C HIS A 169 27.57 -22.44 0.46
N LEU A 170 28.01 -22.18 -0.77
CA LEU A 170 28.13 -23.25 -1.75
C LEU A 170 29.29 -24.20 -1.49
N GLU A 171 30.16 -23.87 -0.54
CA GLU A 171 31.25 -24.80 -0.20
C GLU A 171 30.68 -26.07 0.44
N ASN A 172 29.48 -25.99 1.03
CA ASN A 172 28.85 -27.16 1.62
C ASN A 172 27.46 -27.53 1.11
N HIS A 173 26.98 -26.84 0.07
CA HIS A 173 25.63 -27.07 -0.44
C HIS A 173 25.67 -26.85 -1.93
N ILE A 174 24.96 -27.66 -2.70
CA ILE A 174 25.05 -27.47 -4.15
C ILE A 174 24.11 -26.39 -4.65
N PHE A 175 23.05 -26.08 -3.91
CA PHE A 175 22.10 -25.04 -4.28
C PHE A 175 21.72 -24.20 -3.04
N PHE A 176 20.99 -23.12 -3.28
CA PHE A 176 20.39 -22.32 -2.22
C PHE A 176 19.07 -22.90 -1.70
N GLY A 177 18.58 -23.96 -2.33
CA GLY A 177 17.47 -24.76 -1.80
C GLY A 177 17.99 -26.18 -1.60
N GLU A 178 17.15 -27.10 -1.11
CA GLU A 178 17.57 -28.51 -0.99
C GLU A 178 17.69 -29.12 -2.38
N GLU A 179 16.83 -28.67 -3.29
CA GLU A 179 16.95 -28.83 -4.74
C GLU A 179 17.01 -27.43 -5.36
N ILE A 180 17.25 -27.33 -6.66
CA ILE A 180 17.28 -26.02 -7.33
C ILE A 180 16.03 -25.17 -7.04
N SER A 181 16.22 -23.86 -6.84
CA SER A 181 15.12 -23.02 -6.46
C SER A 181 15.18 -21.62 -7.10
N VAL A 182 14.11 -20.88 -6.90
CA VAL A 182 14.08 -19.48 -7.31
C VAL A 182 15.24 -18.65 -6.76
N ALA A 183 15.77 -18.99 -5.56
CA ALA A 183 17.00 -18.31 -5.04
C ALA A 183 18.20 -18.55 -5.96
N ASP A 184 18.31 -19.76 -6.47
CA ASP A 184 19.41 -20.08 -7.38
C ASP A 184 19.29 -19.30 -8.66
N ALA A 185 18.06 -19.10 -9.11
CA ALA A 185 17.84 -18.42 -10.40
C ALA A 185 18.25 -17.00 -10.22
N TYR A 186 17.97 -16.47 -9.04
CA TYR A 186 18.29 -15.06 -8.77
C TYR A 186 19.80 -14.85 -8.76
N LEU A 187 20.53 -15.70 -8.04
CA LEU A 187 22.01 -15.55 -8.03
C LEU A 187 22.57 -15.76 -9.42
N TYR A 188 22.04 -16.76 -10.12
CA TYR A 188 22.48 -16.99 -11.50
C TYR A 188 22.41 -15.71 -12.33
N ILE A 189 21.26 -15.01 -12.28
CA ILE A 189 21.08 -13.87 -13.20
C ILE A 189 21.99 -12.72 -12.79
N MET A 190 22.21 -12.58 -11.48
CA MET A 190 23.15 -11.57 -11.00
C MET A 190 24.61 -11.83 -11.42
N LEU A 191 24.98 -13.09 -11.47
CA LEU A 191 26.30 -13.42 -12.00
C LEU A 191 26.38 -13.21 -13.52
N ASN A 192 25.26 -13.39 -14.22
CA ASN A 192 25.17 -12.97 -15.61
C ASN A 192 25.39 -11.45 -15.74
N TRP A 193 24.75 -10.64 -14.87
CA TRP A 193 25.05 -9.19 -14.86
C TRP A 193 26.54 -8.88 -14.64
N CYS A 194 27.15 -9.51 -13.64
CA CYS A 194 28.59 -9.34 -13.41
C CYS A 194 29.40 -9.57 -14.68
N ARG A 195 29.14 -10.68 -15.40
CA ARG A 195 29.84 -10.93 -16.67
C ARG A 195 29.65 -9.80 -17.69
N LEU A 196 28.42 -9.31 -17.82
CA LEU A 196 28.12 -8.19 -18.73
C LEU A 196 28.74 -6.86 -18.29
N LEU A 197 28.91 -6.68 -16.98
CA LEU A 197 29.55 -5.45 -16.43
C LEU A 197 31.07 -5.59 -16.37
N GLY A 198 31.59 -6.77 -16.65
CA GLY A 198 33.04 -6.98 -16.45
C GLY A 198 33.49 -6.99 -15.00
N LEU A 199 32.58 -7.31 -14.08
CA LEU A 199 32.93 -7.53 -12.69
C LEU A 199 33.32 -9.00 -12.50
N ASP A 200 34.63 -9.28 -12.37
CA ASP A 200 35.12 -10.65 -12.22
C ASP A 200 34.87 -11.31 -10.85
N PHE A 201 34.56 -12.60 -10.88
CA PHE A 201 34.35 -13.33 -9.61
C PHE A 201 35.07 -14.66 -9.62
N SER A 202 36.11 -14.77 -10.46
CA SER A 202 36.88 -16.02 -10.61
C SER A 202 37.57 -16.47 -9.33
N HIS A 203 37.75 -15.56 -8.39
CA HIS A 203 38.44 -15.85 -7.12
C HIS A 203 37.51 -16.54 -6.12
N LEU A 204 36.22 -16.57 -6.44
CA LEU A 204 35.23 -17.26 -5.61
C LEU A 204 35.00 -18.62 -6.25
N SER A 205 35.66 -19.63 -5.69
CA SER A 205 35.86 -20.92 -6.37
CA SER A 205 35.85 -20.90 -6.41
C SER A 205 34.60 -21.73 -6.70
N GLN A 206 33.49 -21.48 -6.01
CA GLN A 206 32.29 -22.30 -6.21
C GLN A 206 31.34 -21.80 -7.31
N LEU A 207 31.52 -20.55 -7.73
CA LEU A 207 30.50 -19.90 -8.56
C LEU A 207 30.45 -20.41 -9.98
N SER A 208 31.63 -20.70 -10.57
CA SER A 208 31.63 -21.22 -11.94
C SER A 208 30.80 -22.51 -12.05
N ALA A 209 31.09 -23.46 -11.16
CA ALA A 209 30.41 -24.73 -11.08
C ALA A 209 28.92 -24.54 -10.74
N PHE A 210 28.61 -23.60 -9.84
CA PHE A 210 27.23 -23.30 -9.56
C PHE A 210 26.49 -22.87 -10.87
N MET A 211 27.08 -21.95 -11.63
CA MET A 211 26.49 -21.52 -12.90
C MET A 211 26.23 -22.68 -13.87
N GLN A 212 27.15 -23.62 -13.96
CA GLN A 212 26.95 -24.80 -14.84
C GLN A 212 25.78 -25.66 -14.40
N ARG A 213 25.67 -25.93 -13.09
CA ARG A 213 24.54 -26.70 -12.53
C ARG A 213 23.22 -26.01 -12.82
N VAL A 214 23.17 -24.69 -12.60
CA VAL A 214 21.94 -23.95 -12.88
C VAL A 214 21.59 -24.00 -14.39
N GLU A 215 22.61 -23.80 -15.22
CA GLU A 215 22.39 -23.86 -16.72
C GLU A 215 21.96 -25.23 -17.26
N ALA A 216 22.29 -26.29 -16.50
CA ALA A 216 21.91 -27.65 -16.81
C ALA A 216 20.42 -27.98 -16.56
N ASP A 217 19.72 -27.16 -15.77
CA ASP A 217 18.32 -27.41 -15.48
C ASP A 217 17.48 -27.04 -16.70
N GLN A 218 16.50 -27.88 -17.05
CA GLN A 218 15.73 -27.67 -18.26
C GLN A 218 14.92 -26.37 -18.24
N GLY A 219 14.29 -26.04 -17.11
CA GLY A 219 13.49 -24.79 -17.04
C GLY A 219 14.36 -23.57 -17.25
N VAL A 220 15.55 -23.59 -16.66
CA VAL A 220 16.47 -22.46 -16.79
C VAL A 220 16.94 -22.33 -18.24
N ASP A 221 17.25 -23.48 -18.82
CA ASP A 221 17.73 -23.53 -20.19
C ASP A 221 16.67 -22.97 -21.12
N ASN A 222 15.43 -23.39 -20.95
CA ASN A 222 14.32 -22.89 -21.76
C ASN A 222 14.19 -21.37 -21.67
N VAL A 223 14.29 -20.86 -20.46
CA VAL A 223 14.12 -19.43 -20.26
C VAL A 223 15.30 -18.61 -20.85
N ARG A 224 16.53 -19.06 -20.61
CA ARG A 224 17.69 -18.43 -21.22
C ARG A 224 17.53 -18.32 -22.78
N GLU A 225 17.06 -19.40 -23.38
CA GLU A 225 16.75 -19.43 -24.82
C GLU A 225 15.69 -18.40 -25.17
N GLN A 226 14.58 -18.38 -24.41
CA GLN A 226 13.49 -17.46 -24.72
C GLN A 226 13.94 -16.02 -24.60
N GLU A 227 14.82 -15.75 -23.62
CA GLU A 227 15.21 -14.39 -23.32
C GLU A 227 16.46 -13.95 -24.10
N GLY A 228 16.96 -14.84 -24.95
CA GLY A 228 18.11 -14.51 -25.83
C GLY A 228 19.44 -14.42 -25.09
N LEU A 229 19.56 -15.14 -23.97
CA LEU A 229 20.69 -14.94 -23.08
C LEU A 229 21.92 -15.77 -23.37
N LYS A 230 21.83 -16.74 -24.28
CA LYS A 230 22.99 -17.63 -24.55
C LYS A 230 24.08 -16.96 -25.41
N LEU B 18 12.10 -29.61 29.23
CA LEU B 18 11.49 -29.27 27.91
C LEU B 18 12.43 -29.59 26.74
N TYR B 19 11.84 -30.01 25.63
CA TYR B 19 12.54 -30.38 24.40
C TYR B 19 12.20 -29.43 23.26
N PHE B 20 11.19 -28.61 23.51
CA PHE B 20 10.77 -27.58 22.56
C PHE B 20 10.66 -26.24 23.29
N GLN B 21 11.42 -25.25 22.79
CA GLN B 21 11.36 -23.93 23.37
C GLN B 21 10.55 -23.10 22.41
N SER B 22 10.02 -22.00 22.90
CA SER B 22 9.34 -21.11 22.02
C SER B 22 10.35 -20.53 21.00
N MET B 23 9.82 -19.95 19.93
CA MET B 23 10.63 -19.21 18.99
C MET B 23 11.20 -17.97 19.65
N LYS B 24 12.40 -17.59 19.21
CA LYS B 24 13.05 -16.37 19.72
C LYS B 24 13.40 -15.38 18.62
N LEU B 25 12.95 -14.13 18.77
CA LEU B 25 13.33 -13.05 17.85
C LEU B 25 14.38 -12.12 18.48
N TYR B 26 15.52 -11.99 17.81
CA TYR B 26 16.47 -10.92 18.10
C TYR B 26 16.10 -9.72 17.24
N GLY B 27 15.92 -8.57 17.86
CA GLY B 27 15.64 -7.36 17.12
C GLY B 27 16.18 -6.08 17.75
N LEU B 28 16.32 -5.04 16.94
CA LEU B 28 16.69 -3.69 17.41
C LEU B 28 15.38 -2.96 17.58
N THR B 29 15.14 -2.41 18.76
CA THR B 29 13.85 -1.76 19.02
C THR B 29 13.65 -0.64 18.02
N GLY B 30 12.46 -0.60 17.42
CA GLY B 30 12.09 0.47 16.51
C GLY B 30 12.65 0.29 15.09
N ALA B 31 13.45 -0.76 14.86
CA ALA B 31 14.00 -1.05 13.49
C ALA B 31 13.06 -1.96 12.71
N CYS B 32 13.49 -2.45 11.53
CA CYS B 32 12.62 -3.26 10.64
C CYS B 32 12.19 -4.57 11.34
N SER B 33 13.01 -5.02 12.29
CA SER B 33 12.66 -6.18 13.12
C SER B 33 11.37 -5.99 13.96
N PHE B 34 10.90 -4.74 14.06
CA PHE B 34 9.53 -4.43 14.57
C PHE B 34 8.47 -5.29 13.85
N VAL B 35 8.65 -5.50 12.55
CA VAL B 35 7.64 -6.22 11.74
C VAL B 35 7.50 -7.69 12.13
N PRO B 36 8.59 -8.47 12.17
CA PRO B 36 8.35 -9.85 12.63
C PRO B 36 7.99 -9.90 14.12
N HIS B 37 8.34 -8.85 14.88
CA HIS B 37 7.90 -8.81 16.29
C HIS B 37 6.36 -8.71 16.37
N VAL B 38 5.78 -7.82 15.59
CA VAL B 38 4.33 -7.74 15.48
C VAL B 38 3.76 -9.08 15.01
N ALA B 39 4.39 -9.68 13.99
CA ALA B 39 3.95 -11.00 13.50
C ALA B 39 3.89 -12.03 14.64
N LEU B 40 4.97 -12.15 15.41
CA LEU B 40 5.00 -13.11 16.50
C LEU B 40 3.96 -12.79 17.58
N GLU B 41 3.68 -11.51 17.81
CA GLU B 41 2.66 -11.11 18.82
C GLU B 41 1.27 -11.49 18.30
N TRP B 42 1.08 -11.31 17.00
CA TRP B 42 -0.19 -11.73 16.40
C TRP B 42 -0.38 -13.23 16.52
N VAL B 43 0.71 -13.98 16.31
CA VAL B 43 0.68 -15.45 16.48
C VAL B 43 0.33 -15.80 17.94
N LYS B 44 0.90 -15.05 18.88
CA LYS B 44 0.63 -15.29 20.30
C LYS B 44 -0.84 -15.06 20.61
N LEU B 45 -1.36 -13.95 20.11
CA LEU B 45 -2.73 -13.59 20.41
C LEU B 45 -3.76 -14.45 19.70
N ARG B 46 -3.47 -14.89 18.47
CA ARG B 46 -4.52 -15.51 17.64
C ARG B 46 -4.37 -17.03 17.61
N ALA B 47 -3.17 -17.54 17.88
CA ALA B 47 -2.93 -18.99 17.88
C ALA B 47 -2.36 -19.50 19.21
N ASN B 48 -2.42 -18.66 20.24
CA ASN B 48 -1.94 -18.94 21.61
C ASN B 48 -0.55 -19.57 21.73
N GLN B 49 0.40 -19.04 20.98
CA GLN B 49 1.73 -19.60 21.02
C GLN B 49 2.60 -18.48 21.51
N ASP B 50 3.21 -18.65 22.67
CA ASP B 50 4.13 -17.64 23.19
C ASP B 50 5.45 -17.71 22.44
N TYR B 51 6.23 -16.64 22.57
CA TYR B 51 7.56 -16.50 21.98
C TYR B 51 8.44 -15.67 22.93
N ALA B 52 9.74 -15.68 22.67
CA ALA B 52 10.74 -14.85 23.35
C ALA B 52 11.23 -13.70 22.46
N PHE B 53 11.41 -12.52 23.06
CA PHE B 53 12.00 -11.37 22.39
C PHE B 53 13.30 -10.97 23.09
N GLN B 54 14.37 -10.88 22.31
CA GLN B 54 15.62 -10.38 22.82
C GLN B 54 15.95 -9.10 22.06
N ALA B 55 15.84 -7.98 22.78
CA ALA B 55 16.27 -6.69 22.23
C ALA B 55 17.77 -6.72 22.19
N VAL B 56 18.36 -6.37 21.04
CA VAL B 56 19.82 -6.29 20.88
C VAL B 56 20.28 -4.86 20.69
N SER B 57 21.50 -4.54 21.08
CA SER B 57 22.03 -3.24 20.74
C SER B 57 22.86 -3.32 19.45
N ARG B 58 23.07 -2.17 18.84
CA ARG B 58 23.99 -2.02 17.71
C ARG B 58 25.38 -2.60 17.99
N GLU B 59 25.85 -2.50 19.23
CA GLU B 59 27.11 -3.14 19.63
C GLU B 59 27.03 -4.67 19.87
N PHE B 60 25.95 -5.13 20.49
CA PHE B 60 25.77 -6.58 20.71
C PHE B 60 25.75 -7.36 19.38
N ILE B 61 25.27 -6.72 18.31
CA ILE B 61 25.21 -7.42 17.01
C ILE B 61 26.55 -7.43 16.29
N LYS B 62 27.46 -6.59 16.77
CA LYS B 62 28.86 -6.65 16.33
C LYS B 62 29.66 -7.62 17.19
N SER B 63 29.01 -8.20 18.20
CA SER B 63 29.68 -9.03 19.20
C SER B 63 29.99 -10.46 18.72
N ALA B 64 30.99 -11.07 19.34
CA ALA B 64 31.39 -12.44 19.05
C ALA B 64 30.23 -13.43 19.27
N GLU B 65 29.50 -13.24 20.37
CA GLU B 65 28.39 -14.13 20.72
C GLU B 65 27.31 -14.10 19.64
N TYR B 66 27.03 -12.93 19.09
CA TYR B 66 25.97 -12.78 18.07
C TYR B 66 26.35 -13.27 16.68
N LEU B 67 27.57 -12.96 16.23
CA LEU B 67 28.04 -13.41 14.93
C LEU B 67 28.17 -14.94 14.88
N ALA B 68 28.27 -15.58 16.05
CA ALA B 68 28.22 -17.04 16.17
C ALA B 68 26.83 -17.60 15.85
N LEU B 69 25.81 -16.79 16.11
CA LEU B 69 24.46 -17.12 15.70
C LEU B 69 24.22 -16.70 14.26
N ASN B 70 24.69 -15.51 13.90
CA ASN B 70 24.35 -14.86 12.63
C ASN B 70 25.50 -14.03 12.05
N PRO B 71 26.29 -14.65 11.13
CA PRO B 71 27.44 -14.03 10.48
C PRO B 71 27.21 -12.72 9.73
N ARG B 72 26.01 -12.51 9.19
CA ARG B 72 25.69 -11.24 8.55
C ARG B 72 25.56 -10.10 9.54
N GLY B 73 25.49 -10.48 10.83
CA GLY B 73 25.41 -9.53 11.94
C GLY B 73 24.28 -8.56 11.76
N ASN B 74 23.17 -9.08 11.24
CA ASN B 74 21.98 -8.27 10.96
C ASN B 74 20.86 -8.69 11.89
N VAL B 75 19.88 -7.80 12.06
CA VAL B 75 18.60 -8.18 12.63
C VAL B 75 17.53 -7.95 11.53
N PRO B 76 16.41 -8.68 11.60
CA PRO B 76 15.95 -9.62 12.60
C PRO B 76 16.64 -10.95 12.45
N LEU B 77 16.70 -11.71 13.54
CA LEU B 77 17.01 -13.14 13.50
C LEU B 77 15.93 -13.89 14.26
N LEU B 78 15.39 -14.92 13.62
CA LEU B 78 14.38 -15.77 14.24
C LEU B 78 15.02 -17.13 14.45
N VAL B 79 15.03 -17.58 15.70
CA VAL B 79 15.54 -18.96 16.01
C VAL B 79 14.34 -19.79 16.42
N ASP B 80 14.16 -20.93 15.76
CA ASP B 80 13.11 -21.87 16.08
C ASP B 80 13.83 -23.23 16.11
N GLY B 81 14.16 -23.69 17.31
CA GLY B 81 15.00 -24.87 17.45
C GLY B 81 16.32 -24.66 16.76
N ASP B 82 16.65 -25.52 15.77
CA ASP B 82 17.89 -25.46 14.97
CA ASP B 82 17.92 -25.36 15.05
C ASP B 82 17.83 -24.53 13.77
N LEU B 83 16.63 -24.07 13.43
CA LEU B 83 16.49 -23.13 12.32
C LEU B 83 16.86 -21.74 12.83
N ALA B 84 17.86 -21.14 12.22
CA ALA B 84 18.27 -19.75 12.44
C ALA B 84 18.03 -18.87 11.18
N LEU B 85 16.86 -18.26 11.13
CA LEU B 85 16.36 -17.65 9.91
C LEU B 85 16.51 -16.11 9.91
N THR B 86 17.10 -15.53 8.88
CA THR B 86 17.18 -14.06 8.74
C THR B 86 16.24 -13.62 7.60
N GLN B 87 16.21 -12.30 7.31
CA GLN B 87 15.33 -11.63 6.34
C GLN B 87 13.87 -11.51 6.74
N ASN B 88 13.38 -10.28 6.81
CA ASN B 88 12.04 -10.05 7.29
C ASN B 88 11.01 -10.81 6.49
N GLN B 89 11.15 -10.77 5.19
CA GLN B 89 10.19 -11.42 4.32
C GLN B 89 10.21 -12.93 4.48
N ALA B 90 11.38 -13.55 4.60
CA ALA B 90 11.45 -14.99 4.88
C ALA B 90 10.79 -15.37 6.22
N ILE B 91 11.08 -14.58 7.25
CA ILE B 91 10.53 -14.82 8.58
C ILE B 91 9.01 -14.77 8.53
N VAL B 92 8.45 -13.71 7.94
CA VAL B 92 6.98 -13.58 7.95
C VAL B 92 6.27 -14.65 7.11
N HIS B 93 6.83 -14.98 5.94
CA HIS B 93 6.26 -16.06 5.12
C HIS B 93 6.32 -17.42 5.83
N TYR B 94 7.41 -17.68 6.56
CA TYR B 94 7.55 -18.88 7.40
C TYR B 94 6.49 -18.96 8.51
N LEU B 95 6.28 -17.84 9.24
CA LEU B 95 5.27 -17.80 10.32
C LEU B 95 3.88 -17.99 9.73
N ASP B 96 3.68 -17.48 8.52
CA ASP B 96 2.37 -17.62 7.85
C ASP B 96 2.10 -19.07 7.41
N GLU B 97 3.14 -19.78 6.98
CA GLU B 97 2.98 -21.22 6.63
C GLU B 97 2.65 -22.04 7.86
N LEU B 98 3.31 -21.71 8.97
CA LEU B 98 3.06 -22.45 10.22
C LEU B 98 1.73 -22.08 10.83
N TYR B 99 1.32 -20.83 10.67
CA TYR B 99 0.10 -20.40 11.34
C TYR B 99 -0.84 -19.66 10.39
N PRO B 100 -1.40 -20.37 9.40
CA PRO B 100 -2.27 -19.64 8.46
C PRO B 100 -3.47 -18.96 9.15
N GLU B 101 -3.98 -19.58 10.22
CA GLU B 101 -5.12 -19.04 10.97
C GLU B 101 -4.83 -17.63 11.53
N ALA B 102 -3.54 -17.29 11.67
CA ALA B 102 -3.13 -16.01 12.24
C ALA B 102 -3.31 -14.84 11.25
N LYS B 103 -3.55 -15.15 9.98
CA LYS B 103 -3.77 -14.14 8.94
C LYS B 103 -2.71 -13.01 8.91
N LEU B 104 -1.43 -13.39 8.96
CA LEU B 104 -0.35 -12.39 9.00
C LEU B 104 -0.33 -11.51 7.77
N PHE B 105 -0.80 -12.06 6.64
CA PHE B 105 -0.91 -11.29 5.41
C PHE B 105 -2.30 -10.67 5.18
N GLY B 106 -3.13 -10.67 6.21
CA GLY B 106 -4.39 -9.92 6.14
C GLY B 106 -5.58 -10.69 5.61
N SER B 107 -5.38 -11.99 5.35
CA SER B 107 -6.32 -12.84 4.63
C SER B 107 -5.78 -14.26 4.59
N LYS B 108 -6.65 -15.23 4.28
CA LYS B 108 -6.27 -16.62 4.12
C LYS B 108 -6.18 -17.04 2.65
N THR B 109 -6.69 -16.22 1.74
CA THR B 109 -6.80 -16.60 0.32
C THR B 109 -5.52 -16.21 -0.40
N ALA B 110 -5.09 -17.04 -1.35
CA ALA B 110 -3.80 -16.82 -2.03
C ALA B 110 -3.71 -15.47 -2.76
N ARG B 111 -4.77 -15.07 -3.46
CA ARG B 111 -4.70 -13.83 -4.22
C ARG B 111 -4.58 -12.63 -3.26
N ASP B 112 -5.41 -12.60 -2.23
CA ASP B 112 -5.34 -11.48 -1.26
C ASP B 112 -4.02 -11.49 -0.46
N LYS B 113 -3.55 -12.67 -0.06
CA LYS B 113 -2.22 -12.76 0.57
C LYS B 113 -1.09 -12.22 -0.36
N ALA B 114 -1.17 -12.52 -1.67
CA ALA B 114 -0.13 -12.09 -2.60
C ALA B 114 -0.10 -10.59 -2.72
N LYS B 115 -1.27 -9.97 -2.72
CA LYS B 115 -1.34 -8.51 -2.83
C LYS B 115 -0.68 -7.85 -1.61
N ALA B 116 -0.92 -8.42 -0.43
CA ALA B 116 -0.30 -7.86 0.78
C ALA B 116 1.20 -8.11 0.78
N ALA B 117 1.60 -9.28 0.26
CA ALA B 117 3.05 -9.60 0.15
C ALA B 117 3.74 -8.68 -0.84
N ARG B 118 3.01 -8.27 -1.87
CA ARG B 118 3.55 -7.33 -2.85
C ARG B 118 3.84 -6.00 -2.11
N TRP B 119 2.93 -5.54 -1.26
CA TRP B 119 3.22 -4.29 -0.53
C TRP B 119 4.38 -4.47 0.45
N LEU B 120 4.44 -5.62 1.13
CA LEU B 120 5.55 -5.91 2.05
C LEU B 120 6.90 -5.86 1.33
N ALA B 121 6.96 -6.50 0.17
CA ALA B 121 8.23 -6.48 -0.61
C ALA B 121 8.57 -5.06 -1.12
N PHE B 122 7.56 -4.29 -1.52
CA PHE B 122 7.77 -2.89 -1.93
C PHE B 122 8.39 -2.06 -0.79
N PHE B 123 7.78 -2.18 0.39
CA PHE B 123 8.29 -1.52 1.60
C PHE B 123 9.70 -2.01 1.97
N ASN B 124 9.90 -3.32 1.99
CA ASN B 124 11.19 -3.93 2.42
C ASN B 124 12.32 -3.81 1.42
N SER B 125 12.06 -4.04 0.16
CA SER B 125 13.08 -3.96 -0.85
C SER B 125 13.31 -2.60 -1.41
N ASP B 126 12.26 -1.85 -1.62
CA ASP B 126 12.34 -0.58 -2.29
C ASP B 126 12.32 0.64 -1.39
N VAL B 127 11.31 0.77 -0.58
CA VAL B 127 11.21 1.97 0.24
C VAL B 127 12.33 2.01 1.31
N HIS B 128 12.54 0.88 2.00
CA HIS B 128 13.49 0.82 3.11
C HIS B 128 14.84 1.34 2.62
N LYS B 129 15.25 0.88 1.43
CA LYS B 129 16.53 1.26 0.82
C LYS B 129 16.73 2.78 0.71
N SER B 130 15.64 3.50 0.46
CA SER B 130 15.69 4.95 0.26
C SER B 130 16.07 5.65 1.56
N PHE B 131 15.85 4.97 2.69
CA PHE B 131 16.20 5.54 3.98
C PHE B 131 17.70 5.44 4.27
N VAL B 132 18.39 4.53 3.60
CA VAL B 132 19.80 4.19 3.94
C VAL B 132 20.74 5.42 4.11
N PRO B 133 20.78 6.33 3.11
CA PRO B 133 21.64 7.52 3.21
C PRO B 133 21.27 8.50 4.35
N LEU B 134 20.02 8.52 4.78
CA LEU B 134 19.61 9.33 5.93
C LEU B 134 20.04 8.75 7.27
N PHE B 135 20.13 7.42 7.37
CA PHE B 135 20.66 6.75 8.56
C PHE B 135 22.19 6.67 8.58
N ARG B 136 22.80 6.48 7.41
CA ARG B 136 24.27 6.44 7.28
CA ARG B 136 24.27 6.41 7.27
C ARG B 136 24.69 7.13 5.99
N LEU B 137 25.19 8.35 6.13
CA LEU B 137 25.67 9.08 4.96
C LEU B 137 26.74 8.27 4.19
N PRO B 138 26.64 8.23 2.84
CA PRO B 138 27.72 7.61 2.07
C PRO B 138 29.09 8.23 2.44
N SER B 139 30.12 7.39 2.59
CA SER B 139 31.44 7.85 3.10
C SER B 139 32.03 8.98 2.26
N TYR B 140 31.76 8.96 0.96
CA TYR B 140 32.31 9.97 0.04
C TYR B 140 31.74 11.36 0.20
N ALA B 141 30.70 11.52 1.02
CA ALA B 141 30.10 12.83 1.24
C ALA B 141 30.45 13.42 2.62
N GLU B 142 31.02 12.59 3.48
CA GLU B 142 31.53 13.05 4.78
C GLU B 142 32.46 14.23 4.58
N GLY B 143 32.19 15.30 5.32
CA GLY B 143 32.95 16.54 5.18
C GLY B 143 32.61 17.43 3.99
N ASN B 144 31.76 16.95 3.09
CA ASN B 144 31.34 17.73 1.92
C ASN B 144 29.93 18.24 2.22
N GLU B 145 29.85 19.49 2.65
CA GLU B 145 28.61 20.05 3.17
C GLU B 145 27.53 20.04 2.09
N THR B 146 27.91 20.49 0.89
CA THR B 146 26.96 20.65 -0.20
C THR B 146 26.43 19.31 -0.74
N LEU B 147 27.33 18.32 -0.88
CA LEU B 147 26.90 17.00 -1.37
C LEU B 147 26.03 16.31 -0.34
N THR B 148 26.37 16.51 0.93
CA THR B 148 25.59 15.99 2.03
C THR B 148 24.15 16.53 1.97
N LYS B 149 24.00 17.82 1.73
CA LYS B 149 22.66 18.39 1.60
C LYS B 149 21.94 17.79 0.38
N THR B 150 22.61 17.74 -0.76
CA THR B 150 22.02 17.14 -1.97
C THR B 150 21.55 15.70 -1.74
N ILE B 151 22.41 14.87 -1.18
CA ILE B 151 22.08 13.43 -0.94
C ILE B 151 20.88 13.29 0.00
N ARG B 152 20.85 14.07 1.09
CA ARG B 152 19.76 13.97 2.05
C ARG B 152 18.42 14.45 1.47
N GLN B 153 18.46 15.50 0.66
CA GLN B 153 17.26 16.02 -0.01
C GLN B 153 16.73 15.07 -1.11
N GLN B 154 17.64 14.54 -1.91
CA GLN B 154 17.26 13.56 -2.93
C GLN B 154 16.66 12.28 -2.32
N SER B 155 17.21 11.80 -1.21
CA SER B 155 16.67 10.63 -0.53
C SER B 155 15.29 10.94 0.07
N ALA B 156 15.15 12.12 0.67
CA ALA B 156 13.85 12.57 1.21
C ALA B 156 12.81 12.63 0.10
N GLU B 157 13.19 13.19 -1.05
CA GLU B 157 12.31 13.23 -2.25
C GLU B 157 11.89 11.82 -2.73
N GLN B 158 12.85 10.91 -2.73
CA GLN B 158 12.58 9.50 -3.13
C GLN B 158 11.63 8.83 -2.17
N ILE B 159 11.82 9.04 -0.86
CA ILE B 159 10.91 8.45 0.14
C ILE B 159 9.49 8.99 -0.09
N LEU B 160 9.38 10.31 -0.25
CA LEU B 160 8.07 10.92 -0.38
C LEU B 160 7.35 10.48 -1.64
N GLU B 161 8.12 10.21 -2.71
CA GLU B 161 7.56 9.68 -3.98
C GLU B 161 6.97 8.26 -3.77
N GLN B 162 7.71 7.41 -3.08
CA GLN B 162 7.20 6.09 -2.75
C GLN B 162 6.02 6.14 -1.77
N LEU B 163 6.09 7.03 -0.79
CA LEU B 163 4.99 7.17 0.16
C LEU B 163 3.70 7.68 -0.51
N ALA B 164 3.82 8.50 -1.56
CA ALA B 164 2.65 8.95 -2.35
C ALA B 164 1.88 7.77 -2.94
N PHE B 165 2.63 6.77 -3.37
CA PHE B 165 2.07 5.58 -3.94
C PHE B 165 1.27 4.77 -2.89
N ALA B 166 1.80 4.68 -1.67
CA ALA B 166 1.09 4.04 -0.56
C ALA B 166 -0.11 4.87 -0.14
N ASN B 167 0.06 6.20 -0.18
CA ASN B 167 -1.04 7.10 0.14
C ASN B 167 -2.23 6.89 -0.82
N ALA B 168 -1.91 6.71 -2.11
CA ALA B 168 -2.90 6.50 -3.18
C ALA B 168 -3.72 5.24 -2.95
N HIS B 169 -3.04 4.16 -2.57
CA HIS B 169 -3.72 2.93 -2.16
C HIS B 169 -4.73 3.16 -1.03
N LEU B 170 -4.35 3.96 -0.03
CA LEU B 170 -5.19 4.20 1.12
C LEU B 170 -6.39 5.09 0.79
N GLU B 171 -6.42 5.66 -0.42
CA GLU B 171 -7.60 6.43 -0.86
C GLU B 171 -8.87 5.59 -0.97
N ASN B 172 -8.71 4.29 -1.15
CA ASN B 172 -9.89 3.40 -1.20
C ASN B 172 -9.69 2.04 -0.52
N HIS B 173 -8.68 1.95 0.35
CA HIS B 173 -8.48 0.78 1.19
C HIS B 173 -8.14 1.19 2.62
N ILE B 174 -8.56 0.37 3.56
CA ILE B 174 -8.24 0.71 4.94
C ILE B 174 -6.81 0.30 5.36
N PHE B 175 -6.34 -0.81 4.80
CA PHE B 175 -5.03 -1.40 5.12
C PHE B 175 -4.39 -1.91 3.82
N PHE B 176 -3.14 -2.36 3.92
CA PHE B 176 -2.45 -2.93 2.81
C PHE B 176 -2.67 -4.42 2.69
N GLY B 177 -3.42 -4.97 3.65
CA GLY B 177 -4.03 -6.30 3.54
C GLY B 177 -5.54 -6.06 3.54
N GLU B 178 -6.33 -7.13 3.42
CA GLU B 178 -7.80 -7.03 3.49
C GLU B 178 -8.11 -6.60 4.92
N GLU B 179 -7.50 -7.29 5.88
CA GLU B 179 -7.42 -6.83 7.26
C GLU B 179 -5.96 -6.38 7.50
N ILE B 180 -5.66 -5.89 8.70
CA ILE B 180 -4.30 -5.47 9.01
C ILE B 180 -3.28 -6.58 8.77
N SER B 181 -2.10 -6.21 8.27
CA SER B 181 -1.13 -7.23 7.89
C SER B 181 0.29 -6.78 8.22
N VAL B 182 1.23 -7.68 8.02
CA VAL B 182 2.66 -7.38 8.13
C VAL B 182 3.11 -6.22 7.25
N ALA B 183 2.45 -6.03 6.10
CA ALA B 183 2.76 -4.88 5.27
C ALA B 183 2.41 -3.55 5.94
N ASP B 184 1.28 -3.50 6.65
CA ASP B 184 0.89 -2.30 7.40
C ASP B 184 1.88 -2.03 8.54
N ALA B 185 2.34 -3.10 9.17
CA ALA B 185 3.37 -2.99 10.22
C ALA B 185 4.64 -2.40 9.62
N TYR B 186 4.99 -2.79 8.39
CA TYR B 186 6.21 -2.25 7.79
C TYR B 186 6.06 -0.78 7.44
N LEU B 187 4.95 -0.37 6.83
CA LEU B 187 4.79 1.06 6.55
C LEU B 187 4.76 1.86 7.84
N TYR B 188 4.03 1.31 8.81
CA TYR B 188 3.90 1.97 10.10
C TYR B 188 5.30 2.34 10.68
N ILE B 189 6.18 1.34 10.79
CA ILE B 189 7.51 1.61 11.36
C ILE B 189 8.33 2.62 10.50
N MET B 190 8.19 2.58 9.17
CA MET B 190 8.90 3.57 8.33
C MET B 190 8.35 4.98 8.54
N LEU B 191 7.04 5.11 8.79
CA LEU B 191 6.49 6.45 9.10
C LEU B 191 6.95 6.87 10.48
N ASN B 192 7.16 5.90 11.37
CA ASN B 192 7.81 6.23 12.67
C ASN B 192 9.22 6.78 12.45
N TRP B 193 9.98 6.14 11.55
CA TRP B 193 11.27 6.71 11.16
C TRP B 193 11.20 8.12 10.61
N CYS B 194 10.20 8.38 9.77
CA CYS B 194 10.07 9.73 9.23
C CYS B 194 9.91 10.76 10.34
N ARG B 195 9.10 10.41 11.35
CA ARG B 195 8.85 11.32 12.47
C ARG B 195 10.17 11.55 13.24
N LEU B 196 10.87 10.47 13.55
CA LEU B 196 12.15 10.57 14.25
C LEU B 196 13.20 11.34 13.45
N LEU B 197 13.13 11.27 12.12
CA LEU B 197 14.12 11.94 11.25
C LEU B 197 13.72 13.36 10.95
N GLY B 198 12.48 13.72 11.25
CA GLY B 198 11.96 15.06 10.92
C GLY B 198 11.57 15.23 9.46
N LEU B 199 11.22 14.11 8.82
CA LEU B 199 10.79 14.08 7.42
C LEU B 199 9.27 14.23 7.34
N ASP B 200 8.82 15.39 6.87
CA ASP B 200 7.37 15.73 6.93
C ASP B 200 6.59 15.07 5.80
N PHE B 201 5.58 14.26 6.16
CA PHE B 201 4.74 13.62 5.15
C PHE B 201 3.26 14.03 5.27
N SER B 202 3.03 15.16 5.93
CA SER B 202 1.69 15.59 6.30
C SER B 202 0.86 15.96 5.08
N HIS B 203 1.51 16.13 3.93
CA HIS B 203 0.80 16.46 2.70
C HIS B 203 0.18 15.22 2.09
N LEU B 204 0.60 14.05 2.58
CA LEU B 204 -0.02 12.79 2.18
C LEU B 204 -1.08 12.47 3.22
N SER B 205 -2.31 12.86 2.88
CA SER B 205 -3.34 12.99 3.90
C SER B 205 -3.84 11.67 4.52
N GLN B 206 -3.71 10.55 3.82
CA GLN B 206 -4.18 9.26 4.38
C GLN B 206 -3.26 8.65 5.43
N LEU B 207 -2.00 9.11 5.47
CA LEU B 207 -0.99 8.44 6.29
C LEU B 207 -1.17 8.61 7.79
N SER B 208 -1.46 9.83 8.24
CA SER B 208 -1.67 10.01 9.68
C SER B 208 -2.88 9.22 10.22
N ALA B 209 -3.98 9.21 9.50
CA ALA B 209 -5.12 8.41 9.91
C ALA B 209 -4.79 6.91 9.91
N PHE B 210 -4.03 6.46 8.90
CA PHE B 210 -3.49 5.08 8.86
C PHE B 210 -2.65 4.75 10.10
N MET B 211 -1.74 5.66 10.48
CA MET B 211 -0.96 5.44 11.72
C MET B 211 -1.84 5.20 12.94
N GLN B 212 -2.91 5.98 13.04
CA GLN B 212 -3.79 5.85 14.17
C GLN B 212 -4.50 4.48 14.19
N ARG B 213 -4.99 4.04 13.03
CA ARG B 213 -5.64 2.72 12.92
C ARG B 213 -4.68 1.59 13.31
N VAL B 214 -3.44 1.68 12.82
CA VAL B 214 -2.48 0.63 13.09
C VAL B 214 -2.16 0.55 14.59
N GLU B 215 -2.01 1.71 15.23
CA GLU B 215 -1.73 1.81 16.67
C GLU B 215 -2.86 1.26 17.53
N ALA B 216 -4.08 1.19 16.99
CA ALA B 216 -5.23 0.69 17.72
C ALA B 216 -5.24 -0.83 17.73
N ASP B 217 -4.40 -1.46 16.91
CA ASP B 217 -4.38 -2.93 16.85
C ASP B 217 -3.69 -3.44 18.10
N GLN B 218 -4.25 -4.48 18.73
CA GLN B 218 -3.73 -4.91 20.02
C GLN B 218 -2.29 -5.42 19.92
N GLY B 219 -2.00 -6.20 18.89
CA GLY B 219 -0.65 -6.76 18.75
C GLY B 219 0.37 -5.66 18.52
N VAL B 220 0.03 -4.70 17.67
CA VAL B 220 0.90 -3.54 17.44
C VAL B 220 1.10 -2.79 18.77
N ASP B 221 0.00 -2.55 19.47
CA ASP B 221 0.10 -1.84 20.74
C ASP B 221 1.04 -2.56 21.71
N ASN B 222 0.89 -3.88 21.84
CA ASN B 222 1.72 -4.62 22.74
C ASN B 222 3.18 -4.50 22.33
N VAL B 223 3.45 -4.57 21.03
CA VAL B 223 4.85 -4.51 20.58
C VAL B 223 5.45 -3.13 20.74
N ARG B 224 4.69 -2.09 20.38
CA ARG B 224 5.16 -0.73 20.68
C ARG B 224 5.55 -0.59 22.18
N GLU B 225 4.72 -1.15 23.05
CA GLU B 225 5.00 -1.12 24.52
C GLU B 225 6.29 -1.86 24.85
N GLN B 226 6.44 -3.08 24.36
CA GLN B 226 7.64 -3.90 24.60
C GLN B 226 8.90 -3.23 24.10
N GLU B 227 8.82 -2.60 22.91
CA GLU B 227 10.02 -1.99 22.26
C GLU B 227 10.28 -0.54 22.68
N GLY B 228 9.46 -0.01 23.58
CA GLY B 228 9.69 1.31 24.13
C GLY B 228 9.33 2.48 23.19
N LEU B 229 8.42 2.24 22.24
CA LEU B 229 8.21 3.19 21.15
C LEU B 229 7.19 4.29 21.43
N LYS B 230 6.43 4.17 22.52
CA LYS B 230 5.49 5.25 22.84
C LYS B 230 6.14 6.56 23.29
N GLY B 231 5.47 7.65 22.99
CA GLY B 231 5.96 8.98 23.28
C GLY B 231 4.89 9.78 23.98
N GLN C 21 -36.95 9.51 -22.25
CA GLN C 21 -36.60 10.90 -21.83
C GLN C 21 -35.85 10.89 -20.49
N SER C 22 -34.88 11.81 -20.36
CA SER C 22 -33.95 11.80 -19.21
C SER C 22 -34.43 12.42 -17.91
N MET C 23 -33.86 11.96 -16.80
CA MET C 23 -34.09 12.56 -15.52
C MET C 23 -33.37 13.89 -15.46
N LYS C 24 -33.90 14.77 -14.60
CA LYS C 24 -33.46 16.16 -14.51
C LYS C 24 -33.42 16.53 -13.03
N LEU C 25 -32.28 17.04 -12.59
CA LEU C 25 -32.12 17.47 -11.22
C LEU C 25 -32.01 18.98 -11.17
N TYR C 26 -32.85 19.58 -10.35
CA TYR C 26 -32.75 21.03 -10.09
C TYR C 26 -32.08 21.21 -8.74
N GLY C 27 -30.97 21.93 -8.73
CA GLY C 27 -30.23 22.15 -7.48
C GLY C 27 -29.44 23.44 -7.43
N LEU C 28 -29.04 23.83 -6.22
CA LEU C 28 -28.03 24.85 -6.00
C LEU C 28 -26.67 24.17 -5.91
N THR C 29 -25.77 24.52 -6.82
CA THR C 29 -24.42 23.98 -6.84
C THR C 29 -23.77 24.13 -5.45
N GLY C 30 -23.32 23.02 -4.86
CA GLY C 30 -22.64 23.07 -3.56
C GLY C 30 -23.52 22.99 -2.33
N ALA C 31 -24.83 23.00 -2.53
CA ALA C 31 -25.81 22.74 -1.46
C ALA C 31 -25.95 21.23 -1.21
N CYS C 32 -26.99 20.85 -0.46
CA CYS C 32 -27.35 19.43 -0.26
C CYS C 32 -27.65 18.68 -1.57
N SER C 33 -28.21 19.37 -2.56
CA SER C 33 -28.45 18.77 -3.90
C SER C 33 -27.20 18.15 -4.56
N PHE C 34 -26.03 18.51 -4.04
CA PHE C 34 -24.76 17.82 -4.43
C PHE C 34 -24.96 16.29 -4.43
N VAL C 35 -25.65 15.81 -3.39
CA VAL C 35 -25.83 14.37 -3.14
C VAL C 35 -26.59 13.56 -4.17
N PRO C 36 -27.84 13.96 -4.50
CA PRO C 36 -28.47 13.20 -5.58
C PRO C 36 -27.71 13.47 -6.91
N HIS C 37 -27.15 14.66 -7.05
CA HIS C 37 -26.27 14.92 -8.19
C HIS C 37 -25.22 13.80 -8.26
N VAL C 38 -24.50 13.55 -7.16
CA VAL C 38 -23.50 12.44 -7.13
C VAL C 38 -24.14 11.06 -7.38
N ALA C 39 -25.31 10.80 -6.78
CA ALA C 39 -26.00 9.51 -7.01
C ALA C 39 -26.41 9.37 -8.48
N LEU C 40 -26.85 10.49 -9.07
CA LEU C 40 -27.16 10.58 -10.50
C LEU C 40 -25.94 10.39 -11.40
N GLU C 41 -24.78 10.91 -10.96
CA GLU C 41 -23.53 10.75 -11.71
C GLU C 41 -23.03 9.32 -11.58
N TRP C 42 -23.25 8.74 -10.40
CA TRP C 42 -22.90 7.36 -10.15
C TRP C 42 -23.72 6.47 -11.07
N VAL C 43 -25.02 6.78 -11.20
CA VAL C 43 -25.90 6.02 -12.06
C VAL C 43 -25.34 6.05 -13.47
N LYS C 44 -25.15 7.27 -14.01
CA LYS C 44 -24.62 7.47 -15.38
C LYS C 44 -23.36 6.64 -15.63
N LEU C 45 -22.47 6.57 -14.63
CA LEU C 45 -21.19 5.88 -14.78
C LEU C 45 -21.26 4.35 -14.58
N ARG C 46 -22.26 3.90 -13.82
CA ARG C 46 -22.42 2.47 -13.50
C ARG C 46 -23.59 1.81 -14.23
N ALA C 47 -24.65 2.56 -14.52
CA ALA C 47 -25.82 2.04 -15.27
C ALA C 47 -26.12 2.75 -16.60
N ASN C 48 -25.15 3.48 -17.11
CA ASN C 48 -25.21 4.13 -18.43
C ASN C 48 -26.44 5.02 -18.72
N GLN C 49 -27.07 5.51 -17.64
CA GLN C 49 -28.23 6.38 -17.76
C GLN C 49 -27.86 7.85 -17.53
N ASP C 50 -27.80 8.62 -18.63
CA ASP C 50 -27.50 10.05 -18.60
C ASP C 50 -28.63 10.83 -17.93
N TYR C 51 -28.41 12.11 -17.68
CA TYR C 51 -29.35 12.93 -16.92
C TYR C 51 -28.98 14.40 -17.09
N ALA C 52 -29.90 15.30 -16.79
CA ALA C 52 -29.65 16.75 -16.91
C ALA C 52 -29.55 17.41 -15.54
N PHE C 53 -28.85 18.53 -15.51
CA PHE C 53 -28.69 19.30 -14.29
C PHE C 53 -28.96 20.77 -14.63
N GLN C 54 -29.58 21.48 -13.71
CA GLN C 54 -29.75 22.93 -13.80
C GLN C 54 -29.50 23.51 -12.42
N ALA C 55 -28.42 24.27 -12.32
CA ALA C 55 -28.22 25.12 -11.16
C ALA C 55 -29.29 26.21 -11.22
N VAL C 56 -30.24 26.15 -10.28
CA VAL C 56 -31.32 27.13 -10.25
C VAL C 56 -30.88 28.47 -9.65
N SER C 57 -31.21 29.55 -10.36
CA SER C 57 -30.90 30.92 -9.89
C SER C 57 -31.92 31.40 -8.85
N ARG C 58 -31.67 32.59 -8.30
N ARG C 58 -31.69 32.60 -8.30
CA ARG C 58 -32.56 33.24 -7.34
CA ARG C 58 -32.59 33.22 -7.32
C ARG C 58 -33.88 33.60 -8.00
C ARG C 58 -33.89 33.71 -7.97
N GLU C 59 -33.80 34.03 -9.27
CA GLU C 59 -34.97 34.38 -10.08
C GLU C 59 -35.84 33.16 -10.36
N PHE C 60 -35.20 32.08 -10.84
CA PHE C 60 -35.89 30.87 -11.31
C PHE C 60 -36.64 30.07 -10.24
N ILE C 61 -36.05 29.93 -9.05
CA ILE C 61 -36.62 29.11 -7.97
C ILE C 61 -38.02 29.58 -7.50
N LYS C 62 -38.27 30.88 -7.68
CA LYS C 62 -39.56 31.48 -7.32
C LYS C 62 -40.40 31.80 -8.55
N SER C 63 -39.96 31.32 -9.71
CA SER C 63 -40.65 31.55 -10.98
C SER C 63 -41.96 30.76 -11.08
N ALA C 64 -42.87 31.22 -11.94
CA ALA C 64 -44.10 30.51 -12.24
C ALA C 64 -43.82 29.11 -12.81
N GLU C 65 -42.94 29.06 -13.82
CA GLU C 65 -42.54 27.79 -14.45
C GLU C 65 -42.02 26.78 -13.42
N TYR C 66 -41.09 27.20 -12.57
CA TYR C 66 -40.52 26.30 -11.55
C TYR C 66 -41.54 25.87 -10.48
N LEU C 67 -42.44 26.78 -10.10
CA LEU C 67 -43.51 26.46 -9.15
C LEU C 67 -44.60 25.55 -9.72
N ALA C 68 -44.69 25.47 -11.04
CA ALA C 68 -45.63 24.58 -11.74
C ALA C 68 -45.22 23.11 -11.60
N LEU C 69 -43.91 22.86 -11.53
CA LEU C 69 -43.38 21.53 -11.28
C LEU C 69 -43.29 21.26 -9.77
N ASN C 70 -42.77 22.25 -9.03
CA ASN C 70 -42.43 22.12 -7.62
C ASN C 70 -43.16 23.15 -6.76
N PRO C 71 -44.37 22.80 -6.28
CA PRO C 71 -45.14 23.74 -5.45
C PRO C 71 -44.37 24.28 -4.24
N ARG C 72 -43.65 23.39 -3.55
CA ARG C 72 -42.92 23.71 -2.32
C ARG C 72 -41.80 24.76 -2.47
N GLY C 73 -41.32 24.95 -3.69
CA GLY C 73 -40.28 25.96 -3.99
C GLY C 73 -38.90 25.66 -3.45
N ASN C 74 -38.64 24.39 -3.14
CA ASN C 74 -37.39 23.96 -2.54
C ASN C 74 -36.46 23.16 -3.47
N VAL C 75 -35.22 22.95 -3.01
CA VAL C 75 -34.16 22.23 -3.73
C VAL C 75 -33.63 21.08 -2.84
N PRO C 76 -33.24 19.93 -3.43
CA PRO C 76 -33.24 19.54 -4.84
C PRO C 76 -34.61 19.24 -5.36
N LEU C 77 -34.73 19.15 -6.67
CA LEU C 77 -35.90 18.49 -7.27
C LEU C 77 -35.48 17.54 -8.39
N LEU C 78 -35.84 16.27 -8.26
CA LEU C 78 -35.76 15.35 -9.39
C LEU C 78 -37.05 15.40 -10.18
N VAL C 79 -36.93 15.55 -11.48
CA VAL C 79 -38.05 15.32 -12.39
C VAL C 79 -37.74 14.12 -13.28
N ASP C 80 -38.71 13.21 -13.39
CA ASP C 80 -38.54 11.99 -14.18
C ASP C 80 -39.92 11.65 -14.73
N GLY C 81 -40.22 12.12 -15.95
CA GLY C 81 -41.57 12.00 -16.50
C GLY C 81 -42.60 12.69 -15.62
N ASP C 82 -43.64 11.96 -15.22
CA ASP C 82 -44.72 12.50 -14.39
C ASP C 82 -44.28 12.76 -12.94
N LEU C 83 -43.06 12.36 -12.61
CA LEU C 83 -42.59 12.40 -11.22
C LEU C 83 -41.71 13.60 -10.90
N ALA C 84 -42.26 14.54 -10.12
CA ALA C 84 -41.48 15.63 -9.53
C ALA C 84 -41.27 15.31 -8.03
N LEU C 85 -40.07 14.81 -7.72
CA LEU C 85 -39.75 14.24 -6.42
C LEU C 85 -38.78 15.12 -5.66
N THR C 86 -39.23 15.66 -4.53
CA THR C 86 -38.33 16.34 -3.63
C THR C 86 -37.78 15.33 -2.62
N GLN C 87 -36.94 15.82 -1.72
CA GLN C 87 -36.33 15.01 -0.67
C GLN C 87 -35.19 14.09 -1.12
N ASN C 88 -34.00 14.50 -0.75
CA ASN C 88 -32.74 13.76 -0.95
C ASN C 88 -32.86 12.26 -0.66
N GLN C 89 -33.43 11.96 0.50
CA GLN C 89 -33.49 10.57 0.94
C GLN C 89 -34.41 9.74 0.08
N ALA C 90 -35.56 10.31 -0.31
CA ALA C 90 -36.46 9.63 -1.23
C ALA C 90 -35.81 9.56 -2.60
N ILE C 91 -35.21 10.68 -3.03
CA ILE C 91 -34.47 10.69 -4.32
C ILE C 91 -33.46 9.53 -4.37
N VAL C 92 -32.59 9.40 -3.37
CA VAL C 92 -31.60 8.32 -3.41
C VAL C 92 -32.13 6.91 -3.08
N HIS C 93 -33.16 6.80 -2.25
CA HIS C 93 -33.81 5.50 -2.05
C HIS C 93 -34.55 5.07 -3.34
N TYR C 94 -35.12 6.03 -4.06
CA TYR C 94 -35.71 5.80 -5.41
C TYR C 94 -34.66 5.35 -6.44
N LEU C 95 -33.64 6.18 -6.68
CA LEU C 95 -32.57 5.84 -7.64
C LEU C 95 -31.99 4.48 -7.32
N ASP C 96 -31.98 4.15 -6.04
CA ASP C 96 -31.42 2.89 -5.57
C ASP C 96 -32.26 1.74 -6.04
N GLU C 97 -33.58 1.81 -5.82
CA GLU C 97 -34.43 0.69 -6.23
C GLU C 97 -34.43 0.45 -7.74
N LEU C 98 -34.51 1.52 -8.54
CA LEU C 98 -34.46 1.41 -10.00
C LEU C 98 -33.13 0.81 -10.52
N TYR C 99 -32.02 1.13 -9.86
CA TYR C 99 -30.74 0.49 -10.22
C TYR C 99 -30.01 -0.05 -8.97
N PRO C 100 -30.44 -1.22 -8.47
CA PRO C 100 -29.90 -1.83 -7.23
C PRO C 100 -28.38 -2.03 -7.20
N GLU C 101 -27.82 -2.59 -8.29
CA GLU C 101 -26.41 -3.01 -8.32
C GLU C 101 -25.41 -1.88 -8.06
N ALA C 102 -25.84 -0.65 -8.30
CA ALA C 102 -24.96 0.52 -8.20
C ALA C 102 -24.43 0.72 -6.80
N LYS C 103 -25.01 0.06 -5.82
CA LYS C 103 -24.52 0.14 -4.45
C LYS C 103 -24.42 1.56 -3.84
N LEU C 104 -25.45 2.35 -4.04
CA LEU C 104 -25.47 3.73 -3.60
C LEU C 104 -25.31 3.84 -2.10
N PHE C 105 -25.74 2.82 -1.38
CA PHE C 105 -25.60 2.80 0.07
C PHE C 105 -24.39 2.01 0.54
N GLY C 106 -23.52 1.66 -0.38
CA GLY C 106 -22.30 0.98 -0.01
C GLY C 106 -22.34 -0.31 0.78
N SER C 107 -23.18 -1.24 0.35
CA SER C 107 -23.18 -2.60 0.88
C SER C 107 -24.40 -3.23 0.30
N LYS C 108 -24.61 -4.52 0.48
CA LYS C 108 -25.90 -5.08 0.09
C LYS C 108 -26.67 -5.72 1.25
N THR C 109 -25.93 -6.15 2.27
CA THR C 109 -26.51 -6.66 3.51
C THR C 109 -27.40 -5.59 4.17
N ALA C 110 -28.69 -5.89 4.24
CA ALA C 110 -29.68 -4.97 4.79
C ALA C 110 -29.18 -4.30 6.07
N ARG C 111 -28.43 -5.06 6.87
CA ARG C 111 -27.90 -4.58 8.14
C ARG C 111 -26.82 -3.49 7.91
N ASP C 112 -26.05 -3.62 6.84
CA ASP C 112 -25.05 -2.61 6.48
C ASP C 112 -25.63 -1.45 5.66
N LYS C 113 -26.52 -1.76 4.73
CA LYS C 113 -27.26 -0.75 3.96
C LYS C 113 -28.06 0.17 4.89
N ALA C 114 -28.69 -0.42 5.89
CA ALA C 114 -29.41 0.33 6.92
C ALA C 114 -28.45 1.21 7.71
N LYS C 115 -27.28 0.66 8.00
CA LYS C 115 -26.26 1.43 8.68
C LYS C 115 -25.84 2.65 7.86
N ALA C 116 -25.71 2.49 6.54
CA ALA C 116 -25.40 3.65 5.68
C ALA C 116 -26.60 4.60 5.64
N ALA C 117 -27.79 4.03 5.54
CA ALA C 117 -29.01 4.87 5.58
C ALA C 117 -29.08 5.68 6.87
N ARG C 118 -28.69 5.07 8.01
CA ARG C 118 -28.66 5.79 9.28
C ARG C 118 -27.85 7.06 9.13
N TRP C 119 -26.62 6.91 8.61
CA TRP C 119 -25.70 8.05 8.49
C TRP C 119 -26.28 9.13 7.63
N LEU C 120 -26.82 8.73 6.48
CA LEU C 120 -27.50 9.66 5.57
C LEU C 120 -28.63 10.37 6.29
N ALA C 121 -29.47 9.62 7.00
CA ALA C 121 -30.56 10.24 7.75
C ALA C 121 -30.01 11.18 8.85
N PHE C 122 -28.95 10.74 9.53
CA PHE C 122 -28.21 11.60 10.46
C PHE C 122 -27.74 12.89 9.76
N PHE C 123 -27.02 12.75 8.63
CA PHE C 123 -26.52 13.91 7.89
C PHE C 123 -27.65 14.79 7.35
N ASN C 124 -28.68 14.17 6.78
CA ASN C 124 -29.79 14.90 6.15
C ASN C 124 -30.71 15.59 7.17
N SER C 125 -31.24 14.82 8.10
CA SER C 125 -32.33 15.29 8.98
C SER C 125 -31.88 16.30 10.02
N ASP C 126 -30.69 16.07 10.56
CA ASP C 126 -30.20 16.85 11.68
C ASP C 126 -29.26 17.98 11.25
N VAL C 127 -28.40 17.71 10.27
CA VAL C 127 -27.33 18.65 9.95
C VAL C 127 -27.67 19.65 8.84
N HIS C 128 -28.08 19.18 7.66
CA HIS C 128 -28.47 20.06 6.53
C HIS C 128 -29.28 21.28 7.00
N LYS C 129 -30.21 21.06 7.93
CA LYS C 129 -31.04 22.13 8.50
C LYS C 129 -30.32 23.16 9.43
N SER C 130 -29.28 22.72 10.13
CA SER C 130 -28.47 23.56 11.04
CA SER C 130 -28.54 23.59 11.04
C SER C 130 -27.87 24.77 10.30
N PHE C 131 -27.72 24.62 8.98
CA PHE C 131 -27.01 25.58 8.13
C PHE C 131 -27.96 26.56 7.45
N VAL C 132 -29.27 26.29 7.55
CA VAL C 132 -30.32 27.16 6.98
C VAL C 132 -30.26 28.59 7.55
N PRO C 133 -30.17 28.76 8.90
CA PRO C 133 -30.10 30.12 9.45
C PRO C 133 -28.89 30.92 8.97
N LEU C 134 -27.83 30.21 8.60
CA LEU C 134 -26.59 30.80 8.09
C LEU C 134 -26.64 31.12 6.61
N PHE C 135 -27.56 30.47 5.89
CA PHE C 135 -27.78 30.74 4.47
C PHE C 135 -28.87 31.81 4.30
N ARG C 136 -30.09 31.49 4.75
CA ARG C 136 -31.16 32.49 4.82
C ARG C 136 -31.38 32.95 6.27
N LEU C 137 -31.24 34.26 6.46
CA LEU C 137 -31.51 34.87 7.74
C LEU C 137 -32.99 34.79 8.08
N PRO C 138 -33.31 34.38 9.27
CA PRO C 138 -34.69 34.39 9.71
C PRO C 138 -35.12 35.84 9.85
N SER C 139 -36.36 36.16 9.52
CA SER C 139 -36.84 37.52 9.68
C SER C 139 -37.01 37.75 11.19
N TYR C 140 -36.89 36.69 11.96
CA TYR C 140 -37.05 36.79 13.42
C TYR C 140 -35.91 36.22 14.24
N ALA C 141 -34.78 36.92 14.24
CA ALA C 141 -33.62 36.57 15.05
C ALA C 141 -33.02 37.87 15.56
N GLU C 142 -32.24 37.81 16.64
CA GLU C 142 -31.64 39.02 17.16
C GLU C 142 -30.42 39.54 16.41
N GLY C 143 -30.46 40.82 16.07
CA GLY C 143 -29.35 41.52 15.50
C GLY C 143 -28.30 41.75 16.58
N ASN C 144 -28.71 41.48 17.83
CA ASN C 144 -27.83 41.65 18.96
C ASN C 144 -26.71 40.63 18.93
N GLU C 145 -25.49 41.10 19.11
CA GLU C 145 -24.29 40.27 19.09
C GLU C 145 -24.19 39.27 20.23
N THR C 146 -24.59 39.68 21.41
CA THR C 146 -24.39 38.83 22.56
C THR C 146 -25.12 37.53 22.36
N LEU C 147 -26.37 37.62 21.89
CA LEU C 147 -27.12 36.45 21.52
C LEU C 147 -26.57 35.76 20.27
N THR C 148 -26.23 36.56 19.27
CA THR C 148 -25.75 36.00 18.03
C THR C 148 -24.45 35.27 18.29
N LYS C 149 -23.61 35.81 19.15
CA LYS C 149 -22.35 35.18 19.44
C LYS C 149 -22.63 33.82 20.04
N THR C 150 -23.61 33.76 20.92
CA THR C 150 -23.95 32.50 21.58
C THR C 150 -24.50 31.42 20.66
N ILE C 151 -25.42 31.80 19.77
CA ILE C 151 -26.01 30.85 18.85
C ILE C 151 -25.00 30.31 17.87
N ARG C 152 -24.15 31.18 17.37
CA ARG C 152 -23.13 30.79 16.41
C ARG C 152 -22.21 29.79 17.06
N GLN C 153 -21.82 30.10 18.30
CA GLN C 153 -20.93 29.26 19.09
C GLN C 153 -21.52 27.92 19.45
N GLN C 154 -22.79 27.90 19.82
CA GLN C 154 -23.46 26.67 20.22
C GLN C 154 -23.59 25.72 19.04
N SER C 155 -23.88 26.28 17.88
CA SER C 155 -24.01 25.51 16.65
C SER C 155 -22.70 24.84 16.23
N ALA C 156 -21.60 25.57 16.39
CA ALA C 156 -20.29 25.09 15.98
C ALA C 156 -19.82 23.91 16.82
N GLU C 157 -20.09 23.98 18.09
CA GLU C 157 -19.72 22.91 19.04
C GLU C 157 -20.65 21.71 18.88
N GLN C 158 -21.88 21.97 18.44
CA GLN C 158 -22.89 20.94 18.20
C GLN C 158 -22.53 20.13 16.96
N ILE C 159 -22.06 20.83 15.92
CA ILE C 159 -21.64 20.22 14.67
C ILE C 159 -20.43 19.33 14.91
N LEU C 160 -19.40 19.91 15.55
CA LEU C 160 -18.18 19.19 15.97
C LEU C 160 -18.41 17.89 16.78
N GLU C 161 -19.37 17.93 17.70
CA GLU C 161 -19.76 16.79 18.54
C GLU C 161 -20.35 15.64 17.70
N GLN C 162 -21.14 16.00 16.69
CA GLN C 162 -21.63 15.03 15.73
C GLN C 162 -20.45 14.51 14.88
N LEU C 163 -19.60 15.42 14.43
CA LEU C 163 -18.48 15.07 13.55
C LEU C 163 -17.49 14.13 14.26
N ALA C 164 -17.41 14.30 15.59
CA ALA C 164 -16.64 13.42 16.47
C ALA C 164 -17.18 12.00 16.53
N PHE C 165 -18.52 11.88 16.56
CA PHE C 165 -19.15 10.57 16.55
C PHE C 165 -18.90 9.92 15.19
N ALA C 166 -18.96 10.74 14.13
CA ALA C 166 -18.69 10.29 12.77
C ALA C 166 -17.22 9.86 12.63
N ASN C 167 -16.35 10.70 13.18
CA ASN C 167 -14.89 10.49 13.11
C ASN C 167 -14.44 9.22 13.82
N ALA C 168 -15.17 8.82 14.88
CA ALA C 168 -14.87 7.55 15.55
C ALA C 168 -15.31 6.35 14.70
N HIS C 169 -16.36 6.54 13.92
CA HIS C 169 -16.82 5.50 13.01
C HIS C 169 -15.72 5.20 11.98
N LEU C 170 -15.01 6.26 11.56
CA LEU C 170 -14.00 6.15 10.50
C LEU C 170 -12.67 5.63 11.06
N GLU C 171 -12.68 5.18 12.30
CA GLU C 171 -11.45 4.66 12.88
C GLU C 171 -11.35 3.18 12.50
N ASN C 172 -12.51 2.56 12.28
CA ASN C 172 -12.59 1.13 11.91
C ASN C 172 -13.09 0.85 10.49
N HIS C 173 -13.35 1.92 9.73
CA HIS C 173 -14.05 1.84 8.44
C HIS C 173 -13.58 2.95 7.53
N ILE C 174 -13.44 2.64 6.25
CA ILE C 174 -12.99 3.66 5.32
C ILE C 174 -14.13 4.69 5.03
N PHE C 175 -15.36 4.21 5.02
CA PHE C 175 -16.50 5.03 4.61
C PHE C 175 -17.72 4.78 5.48
N PHE C 176 -18.79 5.53 5.20
CA PHE C 176 -20.02 5.40 5.97
C PHE C 176 -20.97 4.34 5.47
N GLY C 177 -20.65 3.78 4.31
CA GLY C 177 -21.13 2.47 3.90
C GLY C 177 -19.91 1.59 3.91
N GLU C 178 -20.01 0.39 3.34
CA GLU C 178 -18.85 -0.50 3.27
C GLU C 178 -17.89 -0.04 2.19
N GLU C 179 -18.43 0.26 1.01
CA GLU C 179 -17.76 1.08 0.03
C GLU C 179 -18.41 2.46 0.09
N ILE C 180 -17.77 3.45 -0.52
CA ILE C 180 -18.27 4.83 -0.52
C ILE C 180 -19.79 4.85 -0.83
N SER C 181 -20.52 5.71 -0.15
CA SER C 181 -21.98 5.70 -0.25
C SER C 181 -22.53 7.09 -0.42
N VAL C 182 -23.85 7.22 -0.55
CA VAL C 182 -24.51 8.51 -0.59
C VAL C 182 -24.33 9.29 0.74
N ALA C 183 -24.21 8.59 1.86
CA ALA C 183 -23.92 9.23 3.17
C ALA C 183 -22.57 9.95 3.17
N ASP C 184 -21.56 9.30 2.57
CA ASP C 184 -20.24 9.92 2.35
C ASP C 184 -20.34 11.18 1.50
N ALA C 185 -21.09 11.11 0.40
CA ALA C 185 -21.28 12.30 -0.45
C ALA C 185 -21.88 13.46 0.36
N TYR C 186 -22.82 13.12 1.25
CA TYR C 186 -23.54 14.10 2.06
C TYR C 186 -22.58 14.73 3.07
N LEU C 187 -21.81 13.90 3.79
CA LEU C 187 -20.80 14.41 4.72
C LEU C 187 -19.80 15.28 3.99
N TYR C 188 -19.36 14.82 2.81
CA TYR C 188 -18.37 15.57 2.04
C TYR C 188 -18.77 17.03 1.91
N ILE C 189 -19.96 17.28 1.40
CA ILE C 189 -20.39 18.66 1.17
C ILE C 189 -20.54 19.51 2.46
N MET C 190 -20.80 18.86 3.59
CA MET C 190 -20.92 19.58 4.87
C MET C 190 -19.58 19.82 5.56
N LEU C 191 -18.64 18.90 5.40
CA LEU C 191 -17.24 19.12 5.79
C LEU C 191 -16.74 20.27 4.92
N ASN C 192 -17.27 20.33 3.69
CA ASN C 192 -16.99 21.42 2.76
C ASN C 192 -17.48 22.76 3.26
N TRP C 193 -18.73 22.79 3.73
CA TRP C 193 -19.30 23.99 4.33
C TRP C 193 -18.55 24.43 5.58
N CYS C 194 -18.26 23.48 6.48
CA CYS C 194 -17.37 23.71 7.66
C CYS C 194 -16.15 24.61 7.39
N ARG C 195 -15.34 24.27 6.38
CA ARG C 195 -14.21 25.13 6.02
C ARG C 195 -14.61 26.42 5.29
N LEU C 196 -15.80 26.44 4.68
CA LEU C 196 -16.31 27.66 4.04
C LEU C 196 -16.83 28.66 5.08
N LEU C 197 -17.01 28.17 6.30
CA LEU C 197 -17.21 29.02 7.47
C LEU C 197 -15.87 29.31 8.08
N GLY C 198 -15.03 28.27 8.14
CA GLY C 198 -13.74 28.36 8.82
C GLY C 198 -13.81 27.57 10.11
N LEU C 199 -14.79 26.67 10.20
CA LEU C 199 -14.86 25.70 11.29
C LEU C 199 -13.80 24.64 11.04
N ASP C 200 -12.93 24.46 12.03
CA ASP C 200 -11.82 23.53 11.94
C ASP C 200 -12.12 22.21 12.64
N PHE C 201 -12.20 21.17 11.83
CA PHE C 201 -12.36 19.79 12.30
C PHE C 201 -10.98 19.14 12.31
N SER C 202 -9.98 20.00 12.49
CA SER C 202 -8.57 19.62 12.49
C SER C 202 -8.26 18.53 13.51
N HIS C 203 -8.78 18.68 14.73
CA HIS C 203 -8.51 17.74 15.82
C HIS C 203 -9.22 16.40 15.64
N LEU C 204 -10.09 16.32 14.63
CA LEU C 204 -10.70 15.05 14.23
C LEU C 204 -9.87 14.42 13.12
N SER C 205 -9.15 13.37 13.49
CA SER C 205 -7.98 12.92 12.74
C SER C 205 -8.22 12.02 11.52
N GLN C 206 -9.36 11.31 11.47
CA GLN C 206 -9.68 10.54 10.25
C GLN C 206 -10.37 11.40 9.17
N LEU C 207 -10.75 12.63 9.54
CA LEU C 207 -11.58 13.50 8.66
C LEU C 207 -10.96 14.08 7.41
N SER C 208 -9.79 14.70 7.51
CA SER C 208 -9.20 15.41 6.38
C SER C 208 -8.87 14.40 5.27
N ALA C 209 -8.37 13.24 5.68
CA ALA C 209 -8.18 12.09 4.78
C ALA C 209 -9.51 11.67 4.14
N PHE C 210 -10.59 11.71 4.91
CA PHE C 210 -11.93 11.37 4.39
C PHE C 210 -12.29 12.13 3.12
N MET C 211 -12.17 13.46 3.16
CA MET C 211 -12.53 14.29 2.03
C MET C 211 -11.77 13.91 0.80
N GLN C 212 -10.50 13.52 0.98
CA GLN C 212 -9.68 13.25 -0.16
C GLN C 212 -10.04 11.89 -0.75
N ARG C 213 -10.47 10.95 0.10
CA ARG C 213 -11.00 9.67 -0.37
C ARG C 213 -12.25 9.90 -1.22
N VAL C 214 -13.13 10.79 -0.75
CA VAL C 214 -14.36 11.07 -1.49
C VAL C 214 -14.00 11.74 -2.82
N GLU C 215 -13.07 12.70 -2.79
CA GLU C 215 -12.64 13.42 -4.00
C GLU C 215 -11.94 12.53 -4.98
N ALA C 216 -11.40 11.40 -4.52
CA ALA C 216 -10.68 10.49 -5.39
C ALA C 216 -11.64 9.63 -6.21
N ASP C 217 -12.90 9.56 -5.78
CA ASP C 217 -13.92 8.81 -6.52
C ASP C 217 -14.29 9.54 -7.83
N GLN C 218 -14.37 8.79 -8.94
CA GLN C 218 -14.61 9.41 -10.26
C GLN C 218 -15.97 10.09 -10.35
N GLY C 219 -16.99 9.39 -9.86
CA GLY C 219 -18.35 9.92 -9.80
C GLY C 219 -18.28 11.31 -9.19
N VAL C 220 -17.71 11.36 -7.98
CA VAL C 220 -17.53 12.61 -7.26
C VAL C 220 -16.75 13.64 -8.03
N ASP C 221 -15.65 13.22 -8.66
CA ASP C 221 -14.81 14.14 -9.44
C ASP C 221 -15.62 14.93 -10.48
N ASN C 222 -16.38 14.23 -11.30
CA ASN C 222 -17.26 14.86 -12.30
C ASN C 222 -18.23 15.93 -11.76
N VAL C 223 -18.85 15.63 -10.61
CA VAL C 223 -19.83 16.54 -10.05
C VAL C 223 -19.18 17.83 -9.54
N ARG C 224 -17.99 17.71 -8.94
CA ARG C 224 -17.27 18.90 -8.48
C ARG C 224 -16.96 19.83 -9.64
N GLU C 225 -16.53 19.26 -10.77
CA GLU C 225 -16.27 20.02 -12.00
C GLU C 225 -17.53 20.80 -12.40
N GLN C 226 -18.61 20.07 -12.71
CA GLN C 226 -19.90 20.63 -13.10
C GLN C 226 -20.40 21.75 -12.19
N GLU C 227 -20.45 21.48 -10.89
CA GLU C 227 -20.95 22.43 -9.91
C GLU C 227 -19.98 23.59 -9.62
N GLY C 228 -18.82 23.58 -10.29
CA GLY C 228 -17.81 24.63 -10.11
C GLY C 228 -17.18 24.62 -8.72
N LEU C 229 -17.10 23.43 -8.13
CA LEU C 229 -16.49 23.28 -6.81
C LEU C 229 -14.98 23.03 -6.90
N LYS C 230 -14.46 23.02 -8.14
CA LYS C 230 -13.03 23.06 -8.38
C LYS C 230 -12.59 24.52 -8.35
N GLY C 231 -13.13 25.31 -9.26
CA GLY C 231 -12.80 26.73 -9.39
C GLY C 231 -11.47 26.92 -10.08
CL CL D . 5.69 -2.54 -6.54
C1 GOL E . 5.52 -19.95 -23.35
C1 GOL E . 6.18 -21.01 -23.31
O1 GOL E . 4.57 -20.94 -23.66
O1 GOL E . 7.24 -21.64 -22.55
C2 GOL E . 6.43 -19.72 -24.56
C2 GOL E . 6.75 -20.19 -24.48
O2 GOL E . 6.26 -18.41 -25.04
O2 GOL E . 6.13 -18.89 -24.48
C3 GOL E . 6.06 -20.71 -25.66
C3 GOL E . 6.53 -20.85 -25.85
O3 GOL E . 7.15 -21.57 -25.90
O3 GOL E . 5.66 -22.00 -25.80
CL CL F . 20.70 -12.54 5.31
#